data_9RYG
#
_entry.id   9RYG
#
_cell.length_a   86.508
_cell.length_b   138.968
_cell.length_c   100.615
_cell.angle_alpha   90
_cell.angle_beta   101.444
_cell.angle_gamma   90
#
_symmetry.space_group_name_H-M   'C 1 2 1'
#
loop_
_entity.id
_entity.type
_entity.pdbx_description
1 polymer 'Decarboxylase NovR'
2 non-polymer '3-(3-methylbut-2-enyl)-4-oxidanyl-benzoic acid'
3 non-polymer 'FE (III) ION'
4 non-polymer 'SULFATE ION'
5 non-polymer 1,2-ETHANEDIOL
6 water water
#
_entity_poly.entity_id   1
_entity_poly.type   'polypeptide(L)'
_entity_poly.pdbx_seq_one_letter_code
;DHPFTMSEALANMPGDDYFRQPPVFDTYAEHRAYLKFRHAVALRHFARLGFDQDGLAGLITVADPEHADTYWANPLAHPF
STITPADLIRVDGDSAETVEGQRRVNIAAFNIHAEIHRARPDVQAVIHLHTVYGRAFSAFARKLPPLTQDACPFFEDHEV
FDDFTGLVLAKDDGRRIAKQLRGHKAILLKNHGLVTVGETLDAAAWWFTLLDTCCHVQLLADAAGKPEEIPAEVARLTGR
QLGSHLLGWNSYQPLHEAALARDPDLATMEPALPS
;
_entity_poly.pdbx_strand_id   A,B,C,D
#
# COMPACT_ATOMS: atom_id res chain seq x y z
N ALA A 11 17.99 33.15 8.71
CA ALA A 11 18.05 33.34 10.18
C ALA A 11 19.31 32.65 10.75
N ASN A 12 19.14 31.46 11.35
CA ASN A 12 20.24 30.56 11.72
C ASN A 12 20.49 29.56 10.58
N MET A 13 20.10 29.92 9.35
CA MET A 13 20.10 29.00 8.24
C MET A 13 21.54 28.71 7.79
N PRO A 14 21.79 27.52 7.19
CA PRO A 14 23.10 27.16 6.66
C PRO A 14 23.67 28.18 5.67
N GLY A 15 25.02 28.22 5.61
CA GLY A 15 25.75 29.13 4.76
C GLY A 15 25.54 28.87 3.26
N ASP A 16 26.26 29.69 2.49
CA ASP A 16 26.27 29.82 1.05
C ASP A 16 26.34 28.44 0.37
N ASP A 17 27.36 27.64 0.72
CA ASP A 17 27.71 26.51 -0.11
C ASP A 17 27.15 25.20 0.47
N TYR A 18 26.17 25.28 1.35
CA TYR A 18 25.72 24.08 2.04
C TYR A 18 24.90 23.17 1.12
N PHE A 19 23.96 23.76 0.41
CA PHE A 19 23.09 23.05 -0.52
C PHE A 19 23.73 23.05 -1.89
N ARG A 20 23.39 22.05 -2.70
CA ARG A 20 23.81 22.06 -4.10
C ARG A 20 22.91 23.02 -4.87
N GLN A 21 23.43 23.51 -5.99
CA GLN A 21 22.76 24.52 -6.80
C GLN A 21 22.24 23.84 -8.07
N PRO A 22 21.09 24.28 -8.63
CA PRO A 22 20.68 23.78 -9.94
C PRO A 22 21.77 24.04 -10.99
N PRO A 23 21.91 23.17 -12.01
CA PRO A 23 22.99 23.31 -12.98
C PRO A 23 22.74 24.43 -13.98
N VAL A 24 23.83 24.94 -14.54
CA VAL A 24 23.74 25.89 -15.65
C VAL A 24 24.48 25.24 -16.81
N PHE A 25 24.03 25.51 -18.05
CA PHE A 25 24.59 24.85 -19.22
C PHE A 25 25.15 25.91 -20.16
N ASP A 26 26.17 25.54 -20.91
CA ASP A 26 26.71 26.41 -21.94
C ASP A 26 25.95 26.30 -23.24
N THR A 27 25.23 25.20 -23.47
CA THR A 27 24.51 25.06 -24.73
C THR A 27 23.07 24.67 -24.42
N TYR A 28 22.15 25.13 -25.28
CA TYR A 28 20.79 24.64 -25.20
C TYR A 28 20.74 23.17 -25.47
N ALA A 29 21.61 22.64 -26.35
CA ALA A 29 21.57 21.20 -26.62
C ALA A 29 21.81 20.39 -25.34
N GLU A 30 22.80 20.81 -24.54
CA GLU A 30 23.07 20.11 -23.30
C GLU A 30 21.92 20.27 -22.32
N HIS A 31 21.40 21.48 -22.21
CA HIS A 31 20.31 21.78 -21.28
C HIS A 31 19.08 20.94 -21.62
N ARG A 32 18.77 20.87 -22.90
CA ARG A 32 17.58 20.17 -23.39
C ARG A 32 17.69 18.68 -23.08
N ALA A 33 18.84 18.09 -23.37
CA ALA A 33 19.00 16.65 -23.14
C ALA A 33 18.85 16.35 -21.64
N TYR A 34 19.40 17.24 -20.78
CA TYR A 34 19.26 17.10 -19.33
C TYR A 34 17.79 17.14 -18.90
N LEU A 35 17.04 18.13 -19.40
CA LEU A 35 15.65 18.31 -19.04
C LEU A 35 14.82 17.11 -19.50
N LYS A 36 15.01 16.66 -20.75
CA LYS A 36 14.18 15.54 -21.22
C LYS A 36 14.45 14.29 -20.38
N PHE A 37 15.73 14.07 -20.01
CA PHE A 37 16.04 12.90 -19.18
C PHE A 37 15.36 13.02 -17.81
N ARG A 38 15.50 14.19 -17.17
CA ARG A 38 14.88 14.42 -15.85
C ARG A 38 13.37 14.28 -15.93
N HIS A 39 12.78 14.75 -17.05
CA HIS A 39 11.34 14.68 -17.29
C HIS A 39 10.90 13.21 -17.31
N ALA A 40 11.58 12.38 -18.11
CA ALA A 40 11.25 10.96 -18.13
C ALA A 40 11.40 10.31 -16.74
N VAL A 41 12.51 10.62 -16.05
CA VAL A 41 12.71 10.00 -14.75
C VAL A 41 11.60 10.45 -13.77
N ALA A 42 11.20 11.73 -13.82
CA ALA A 42 10.14 12.19 -12.91
C ALA A 42 8.85 11.39 -13.15
N LEU A 43 8.52 11.12 -14.43
CA LEU A 43 7.36 10.30 -14.73
C LEU A 43 7.50 8.89 -14.17
N ARG A 44 8.71 8.31 -14.22
CA ARG A 44 8.93 7.02 -13.58
C ARG A 44 8.73 7.08 -12.07
N HIS A 45 9.19 8.18 -11.45
CA HIS A 45 9.03 8.38 -10.01
C HIS A 45 7.54 8.43 -9.64
N PHE A 46 6.77 9.16 -10.43
CA PHE A 46 5.33 9.29 -10.18
C PHE A 46 4.58 7.99 -10.49
N ALA A 47 5.05 7.22 -11.48
CA ALA A 47 4.38 5.95 -11.75
C ALA A 47 4.54 5.04 -10.53
N ARG A 48 5.76 5.04 -9.96
CA ARG A 48 6.04 4.16 -8.84
C ARG A 48 5.17 4.53 -7.63
N LEU A 49 4.82 5.80 -7.49
CA LEU A 49 3.93 6.27 -6.42
C LEU A 49 2.47 5.91 -6.73
N GLY A 50 2.19 5.39 -7.93
CA GLY A 50 0.80 5.06 -8.27
C GLY A 50 0.03 6.25 -8.88
N PHE A 51 0.72 7.31 -9.30
CA PHE A 51 0.02 8.48 -9.81
C PHE A 51 -0.23 8.36 -11.32
N ASP A 52 -0.01 7.15 -11.85
N ASP A 52 0.01 7.18 -11.90
CA ASP A 52 -0.11 6.77 -13.25
CA ASP A 52 -0.33 7.04 -13.31
C ASP A 52 -1.41 5.99 -13.50
C ASP A 52 -1.44 6.01 -13.50
N GLN A 53 -2.32 5.92 -12.52
CA GLN A 53 -3.48 5.03 -12.62
C GLN A 53 -4.70 5.68 -13.28
N ASP A 54 -4.60 6.99 -13.61
CA ASP A 54 -5.70 7.93 -13.80
C ASP A 54 -6.04 8.08 -15.29
N GLY A 55 -5.66 7.05 -16.09
CA GLY A 55 -5.92 7.01 -17.52
C GLY A 55 -5.11 8.08 -18.25
N LEU A 56 -5.84 9.06 -18.83
CA LEU A 56 -5.25 10.10 -19.68
C LEU A 56 -5.04 11.41 -18.93
N ALA A 57 -5.32 11.42 -17.61
CA ALA A 57 -5.42 12.66 -16.85
C ALA A 57 -4.06 13.33 -16.58
N GLY A 58 -2.95 12.56 -16.53
CA GLY A 58 -1.78 13.15 -15.91
C GLY A 58 -0.89 13.86 -16.92
N LEU A 59 -0.35 15.02 -16.52
CA LEU A 59 0.49 15.79 -17.42
C LEU A 59 1.63 16.46 -16.67
N ILE A 60 2.85 16.33 -17.24
CA ILE A 60 3.96 17.18 -16.81
C ILE A 60 4.45 17.93 -18.05
N THR A 61 4.49 19.25 -17.95
CA THR A 61 5.03 20.08 -19.01
C THR A 61 6.32 20.72 -18.48
N VAL A 62 7.31 20.79 -19.39
CA VAL A 62 8.60 21.41 -19.12
C VAL A 62 8.90 22.36 -20.28
N ALA A 63 9.07 23.65 -19.96
CA ALA A 63 9.32 24.63 -21.03
C ALA A 63 10.62 24.25 -21.73
N ASP A 64 10.62 24.32 -23.08
CA ASP A 64 11.87 24.18 -23.79
C ASP A 64 12.74 25.40 -23.46
N PRO A 65 14.06 25.26 -23.19
CA PRO A 65 14.87 26.39 -22.79
C PRO A 65 15.13 27.41 -23.90
N GLU A 66 14.95 27.01 -25.15
CA GLU A 66 15.37 27.84 -26.29
C GLU A 66 14.13 28.33 -27.06
N HIS A 67 13.16 27.43 -27.29
CA HIS A 67 12.04 27.72 -28.20
C HIS A 67 10.87 28.23 -27.38
N ALA A 68 10.71 29.55 -27.43
CA ALA A 68 9.75 30.25 -26.58
C ALA A 68 8.35 29.68 -26.82
N ASP A 69 7.63 29.53 -25.71
N ASP A 69 7.61 29.55 -25.72
CA ASP A 69 6.21 29.23 -25.71
CA ASP A 69 6.19 29.23 -25.72
C ASP A 69 5.97 27.86 -26.31
C ASP A 69 5.96 27.85 -26.31
N THR A 70 6.96 26.96 -26.16
CA THR A 70 6.77 25.55 -26.48
C THR A 70 7.22 24.70 -25.30
N TYR A 71 6.60 23.52 -25.15
CA TYR A 71 6.69 22.76 -23.90
C TYR A 71 6.85 21.27 -24.22
N TRP A 72 7.80 20.62 -23.55
CA TRP A 72 7.88 19.17 -23.63
C TRP A 72 6.76 18.60 -22.77
N ALA A 73 6.18 17.50 -23.23
CA ALA A 73 5.07 16.88 -22.49
C ALA A 73 5.16 15.37 -22.69
N ASN A 74 4.58 14.66 -21.72
CA ASN A 74 4.30 13.25 -21.95
C ASN A 74 3.12 13.13 -22.90
N PRO A 75 3.19 12.25 -23.93
CA PRO A 75 2.14 12.16 -24.92
C PRO A 75 0.91 11.42 -24.40
N LEU A 76 -0.24 11.75 -25.01
CA LEU A 76 -1.51 11.16 -24.59
C LEU A 76 -1.38 9.63 -24.62
N ALA A 77 -1.71 9.02 -23.47
CA ALA A 77 -1.93 7.58 -23.37
C ALA A 77 -0.64 6.74 -23.30
N HIS A 78 0.54 7.37 -23.27
CA HIS A 78 1.76 6.62 -23.05
C HIS A 78 1.89 6.37 -21.53
N PRO A 79 2.00 5.11 -21.05
CA PRO A 79 2.07 4.89 -19.60
C PRO A 79 3.35 5.49 -19.00
N PHE A 80 3.24 6.12 -17.85
CA PHE A 80 4.37 6.77 -17.20
C PHE A 80 5.52 5.78 -16.96
N SER A 81 5.18 4.54 -16.64
CA SER A 81 6.14 3.51 -16.27
C SER A 81 7.14 3.17 -17.37
N THR A 82 6.83 3.46 -18.66
CA THR A 82 7.69 3.00 -19.74
C THR A 82 8.25 4.19 -20.50
N ILE A 83 7.89 5.42 -20.11
CA ILE A 83 8.23 6.54 -20.98
C ILE A 83 9.74 6.82 -20.97
N THR A 84 10.30 7.20 -22.12
CA THR A 84 11.71 7.54 -22.25
C THR A 84 11.81 8.94 -22.84
N PRO A 85 12.99 9.62 -22.80
CA PRO A 85 13.11 10.95 -23.40
C PRO A 85 12.60 11.04 -24.85
N ALA A 86 12.85 9.99 -25.64
CA ALA A 86 12.47 9.96 -27.05
C ALA A 86 10.95 9.97 -27.22
N ASP A 87 10.19 9.59 -26.18
CA ASP A 87 8.74 9.58 -26.29
C ASP A 87 8.13 10.97 -26.03
N LEU A 88 8.89 11.87 -25.41
CA LEU A 88 8.34 13.18 -25.07
C LEU A 88 8.04 13.95 -26.36
N ILE A 89 6.99 14.77 -26.32
CA ILE A 89 6.63 15.55 -27.51
C ILE A 89 6.76 17.02 -27.14
N ARG A 90 7.09 17.86 -28.14
CA ARG A 90 7.16 19.30 -27.87
C ARG A 90 5.92 19.93 -28.47
N VAL A 91 5.22 20.75 -27.67
CA VAL A 91 3.90 21.22 -28.01
C VAL A 91 3.93 22.75 -28.02
N ASP A 92 3.34 23.34 -29.07
CA ASP A 92 3.15 24.78 -29.15
C ASP A 92 2.13 25.27 -28.12
N GLY A 93 2.49 26.30 -27.35
CA GLY A 93 1.66 26.82 -26.29
C GLY A 93 0.30 27.31 -26.77
N ASP A 94 0.28 28.06 -27.87
CA ASP A 94 -0.94 28.72 -28.33
C ASP A 94 -1.91 27.73 -29.00
N SER A 95 -1.38 26.85 -29.86
CA SER A 95 -2.20 26.01 -30.72
C SER A 95 -2.41 24.61 -30.12
N ALA A 96 -1.60 24.24 -29.13
CA ALA A 96 -1.53 22.89 -28.57
C ALA A 96 -1.14 21.85 -29.63
N GLU A 97 -0.57 22.32 -30.75
CA GLU A 97 -0.09 21.42 -31.79
C GLU A 97 1.29 20.87 -31.42
N THR A 98 1.51 19.58 -31.74
CA THR A 98 2.82 18.95 -31.56
C THR A 98 3.78 19.47 -32.63
N VAL A 99 4.87 20.13 -32.20
CA VAL A 99 5.82 20.70 -33.15
C VAL A 99 7.06 19.82 -33.24
N GLU A 100 7.22 18.87 -32.32
CA GLU A 100 8.28 17.87 -32.42
C GLU A 100 7.73 16.57 -31.84
N GLY A 101 7.81 15.47 -32.62
CA GLY A 101 7.19 14.21 -32.24
C GLY A 101 5.94 13.98 -33.09
N GLN A 102 5.26 12.85 -32.88
CA GLN A 102 4.15 12.54 -33.78
C GLN A 102 2.82 12.61 -33.02
N ARG A 103 2.87 12.26 -31.73
CA ARG A 103 1.66 12.06 -30.94
C ARG A 103 1.16 13.39 -30.40
N ARG A 104 -0.10 13.40 -29.93
CA ARG A 104 -0.73 14.59 -29.38
C ARG A 104 -0.66 14.57 -27.84
N VAL A 105 -0.73 15.76 -27.25
CA VAL A 105 -0.89 15.92 -25.82
C VAL A 105 -2.39 15.87 -25.51
N ASN A 106 -2.72 15.63 -24.25
CA ASN A 106 -4.04 15.86 -23.68
C ASN A 106 -4.34 17.36 -23.77
N ILE A 107 -5.24 17.74 -24.69
CA ILE A 107 -5.40 19.17 -25.01
C ILE A 107 -6.05 19.93 -23.86
N ALA A 108 -6.96 19.27 -23.09
CA ALA A 108 -7.64 19.93 -21.99
C ALA A 108 -6.65 20.24 -20.87
N ALA A 109 -5.90 19.22 -20.44
CA ALA A 109 -4.90 19.43 -19.41
C ALA A 109 -3.86 20.45 -19.91
N PHE A 110 -3.48 20.34 -21.19
CA PHE A 110 -2.43 21.20 -21.74
C PHE A 110 -2.86 22.66 -21.72
N ASN A 111 -4.14 22.94 -21.95
CA ASN A 111 -4.65 24.31 -21.94
C ASN A 111 -4.40 24.96 -20.59
N ILE A 112 -4.64 24.21 -19.51
CA ILE A 112 -4.36 24.70 -18.17
C ILE A 112 -2.85 24.96 -18.02
N HIS A 113 -2.01 23.99 -18.41
CA HIS A 113 -0.58 24.15 -18.27
C HIS A 113 -0.07 25.36 -19.07
N ALA A 114 -0.49 25.49 -20.34
CA ALA A 114 0.04 26.55 -21.19
C ALA A 114 -0.31 27.92 -20.60
N GLU A 115 -1.53 28.06 -20.06
CA GLU A 115 -1.93 29.34 -19.48
C GLU A 115 -1.13 29.62 -18.20
N ILE A 116 -0.87 28.58 -17.39
CA ILE A 116 -0.02 28.75 -16.21
C ILE A 116 1.39 29.18 -16.62
N HIS A 117 1.97 28.45 -17.60
CA HIS A 117 3.28 28.82 -18.11
C HIS A 117 3.32 30.28 -18.60
N ARG A 118 2.28 30.71 -19.33
CA ARG A 118 2.23 32.05 -19.89
C ARG A 118 2.20 33.07 -18.76
N ALA A 119 1.46 32.76 -17.69
CA ALA A 119 1.27 33.69 -16.59
C ALA A 119 2.50 33.71 -15.68
N ARG A 120 3.37 32.70 -15.78
CA ARG A 120 4.46 32.51 -14.83
C ARG A 120 5.79 32.29 -15.58
N PRO A 121 6.42 33.35 -16.12
CA PRO A 121 7.69 33.19 -16.83
C PRO A 121 8.80 32.58 -15.99
N ASP A 122 8.68 32.66 -14.66
CA ASP A 122 9.66 32.07 -13.73
C ASP A 122 9.53 30.56 -13.67
N VAL A 123 8.42 29.99 -14.16
CA VAL A 123 8.13 28.58 -13.96
C VAL A 123 8.67 27.78 -15.15
N GLN A 124 9.45 26.74 -14.89
CA GLN A 124 9.94 25.82 -15.92
C GLN A 124 8.96 24.65 -16.10
N ALA A 125 8.28 24.24 -15.02
CA ALA A 125 7.52 22.98 -15.07
C ALA A 125 6.18 23.14 -14.36
N VAL A 126 5.14 22.47 -14.92
CA VAL A 126 3.82 22.41 -14.32
C VAL A 126 3.41 20.94 -14.25
N ILE A 127 2.90 20.51 -13.09
CA ILE A 127 2.57 19.11 -12.86
C ILE A 127 1.12 19.01 -12.41
N HIS A 128 0.35 18.18 -13.11
CA HIS A 128 -1.02 17.91 -12.71
C HIS A 128 -1.26 16.42 -12.91
N LEU A 129 -1.40 15.69 -11.79
CA LEU A 129 -1.66 14.25 -11.81
C LEU A 129 -2.89 14.01 -10.94
N HIS A 130 -3.68 13.02 -11.30
CA HIS A 130 -4.86 12.73 -10.50
C HIS A 130 -4.43 11.66 -9.49
N THR A 131 -4.61 11.94 -8.20
CA THR A 131 -4.15 11.02 -7.16
C THR A 131 -5.32 10.80 -6.20
N VAL A 132 -5.19 9.78 -5.37
CA VAL A 132 -6.24 9.48 -4.41
C VAL A 132 -6.32 10.59 -3.36
N TYR A 133 -5.21 10.89 -2.64
CA TYR A 133 -5.29 11.77 -1.48
C TYR A 133 -5.54 13.22 -1.95
N GLY A 134 -4.93 13.55 -3.09
CA GLY A 134 -5.14 14.87 -3.70
C GLY A 134 -6.58 15.08 -4.11
N ARG A 135 -7.18 14.06 -4.76
CA ARG A 135 -8.57 14.18 -5.17
C ARG A 135 -9.45 14.34 -3.92
N ALA A 136 -9.23 13.46 -2.92
CA ALA A 136 -10.07 13.47 -1.74
C ALA A 136 -9.99 14.81 -1.01
N PHE A 137 -8.78 15.32 -0.80
CA PHE A 137 -8.62 16.57 -0.06
C PHE A 137 -9.23 17.73 -0.85
N SER A 138 -9.05 17.69 -2.18
CA SER A 138 -9.59 18.76 -3.04
C SER A 138 -11.11 18.84 -2.96
N ALA A 139 -11.79 17.76 -2.52
CA ALA A 139 -13.25 17.79 -2.45
C ALA A 139 -13.72 18.74 -1.33
N PHE A 140 -12.82 19.18 -0.43
CA PHE A 140 -13.22 20.06 0.66
C PHE A 140 -13.10 21.55 0.30
N ALA A 141 -12.48 21.87 -0.84
CA ALA A 141 -12.35 23.26 -1.28
C ALA A 141 -11.73 24.08 -0.15
N ARG A 142 -10.63 23.59 0.42
CA ARG A 142 -10.08 24.16 1.64
C ARG A 142 -8.57 24.24 1.46
N LYS A 143 -7.95 25.32 1.95
CA LYS A 143 -6.49 25.37 1.93
C LYS A 143 -5.90 24.27 2.82
N LEU A 144 -4.72 23.75 2.40
CA LEU A 144 -4.01 22.78 3.19
C LEU A 144 -3.49 23.45 4.48
N PRO A 145 -3.97 23.05 5.67
CA PRO A 145 -3.52 23.68 6.90
C PRO A 145 -2.06 23.34 7.21
N PRO A 146 -1.34 24.18 8.00
CA PRO A 146 0.00 23.85 8.43
C PRO A 146 0.00 22.86 9.59
N LEU A 147 -0.40 21.63 9.31
CA LEU A 147 -0.63 20.64 10.35
C LEU A 147 0.69 20.11 10.91
N THR A 148 1.70 19.96 10.06
CA THR A 148 2.99 19.48 10.50
C THR A 148 4.04 20.34 9.80
N GLN A 149 5.30 20.18 10.23
CA GLN A 149 6.39 20.91 9.60
C GLN A 149 6.36 20.74 8.08
N ASP A 150 6.09 19.50 7.62
CA ASP A 150 6.17 19.20 6.20
C ASP A 150 5.11 19.92 5.33
N ALA A 151 4.02 20.36 5.95
CA ALA A 151 2.95 21.07 5.26
C ALA A 151 3.28 22.56 5.17
N CYS A 152 4.25 23.03 5.96
CA CYS A 152 4.52 24.46 6.05
C CYS A 152 5.07 25.06 4.75
N PRO A 153 5.79 24.35 3.85
CA PRO A 153 6.15 24.95 2.56
C PRO A 153 4.96 25.47 1.75
N PHE A 154 3.74 25.01 2.04
CA PHE A 154 2.54 25.46 1.33
C PHE A 154 1.83 26.60 2.06
N PHE A 155 2.27 26.87 3.29
CA PHE A 155 1.58 27.87 4.10
C PHE A 155 1.70 29.25 3.45
N GLU A 156 0.56 29.92 3.21
CA GLU A 156 0.51 31.22 2.51
C GLU A 156 1.22 31.14 1.16
N ASP A 157 1.30 29.94 0.57
CA ASP A 157 1.90 29.82 -0.74
C ASP A 157 1.15 28.81 -1.61
N HIS A 158 -0.18 28.73 -1.44
CA HIS A 158 -0.96 27.95 -2.39
C HIS A 158 -2.38 28.48 -2.39
N GLU A 159 -3.15 28.15 -3.43
CA GLU A 159 -4.52 28.63 -3.52
C GLU A 159 -5.46 27.45 -3.73
N VAL A 160 -6.76 27.74 -3.59
CA VAL A 160 -7.85 26.85 -3.97
C VAL A 160 -8.55 27.48 -5.18
N PHE A 161 -8.66 26.72 -6.27
CA PHE A 161 -9.46 27.18 -7.38
C PHE A 161 -10.90 26.83 -7.06
N ASP A 162 -11.74 27.86 -6.90
CA ASP A 162 -13.07 27.69 -6.35
C ASP A 162 -14.13 27.69 -7.45
N ASP A 163 -13.82 27.03 -8.57
CA ASP A 163 -14.81 26.74 -9.61
C ASP A 163 -14.52 25.36 -10.21
N PHE A 164 -15.27 24.95 -11.25
CA PHE A 164 -15.19 23.66 -11.92
C PHE A 164 -14.65 23.76 -13.35
N THR A 165 -13.66 22.93 -13.69
CA THR A 165 -13.00 22.97 -15.00
C THR A 165 -13.87 22.40 -16.14
N LYS A 171 -9.27 27.47 -23.26
CA LYS A 171 -8.14 28.30 -22.74
C LYS A 171 -8.62 29.18 -21.58
N ASP A 172 -9.90 29.55 -21.59
CA ASP A 172 -10.39 30.52 -20.61
C ASP A 172 -10.34 29.98 -19.18
N ASP A 173 -10.58 28.67 -19.05
CA ASP A 173 -10.52 27.94 -17.80
C ASP A 173 -9.06 27.92 -17.31
N GLY A 174 -8.14 27.66 -18.23
CA GLY A 174 -6.72 27.74 -17.93
C GLY A 174 -6.34 29.14 -17.45
N ARG A 175 -6.83 30.17 -18.12
CA ARG A 175 -6.57 31.56 -17.72
C ARG A 175 -7.02 31.82 -16.29
N ARG A 176 -8.24 31.37 -15.95
CA ARG A 176 -8.80 31.59 -14.62
C ARG A 176 -7.96 30.88 -13.55
N ILE A 177 -7.49 29.66 -13.85
CA ILE A 177 -6.67 28.90 -12.91
C ILE A 177 -5.35 29.63 -12.70
N ALA A 178 -4.73 30.08 -13.80
CA ALA A 178 -3.44 30.76 -13.73
C ALA A 178 -3.60 32.05 -12.93
N LYS A 179 -4.70 32.77 -13.13
CA LYS A 179 -4.94 33.99 -12.36
C LYS A 179 -5.03 33.69 -10.86
N GLN A 180 -5.76 32.62 -10.49
CA GLN A 180 -5.94 32.32 -9.07
C GLN A 180 -4.65 31.82 -8.45
N LEU A 181 -3.79 31.14 -9.24
CA LEU A 181 -2.54 30.63 -8.72
C LEU A 181 -1.62 31.78 -8.27
N ARG A 182 -1.67 32.92 -8.98
CA ARG A 182 -0.80 34.06 -8.72
C ARG A 182 0.66 33.57 -8.69
N GLY A 183 1.42 33.98 -7.65
CA GLY A 183 2.83 33.64 -7.58
C GLY A 183 3.10 32.39 -6.72
N HIS A 184 2.07 31.58 -6.44
CA HIS A 184 2.18 30.47 -5.51
C HIS A 184 2.79 29.23 -6.17
N LYS A 185 3.18 28.26 -5.31
CA LYS A 185 3.82 27.04 -5.77
C LYS A 185 2.78 25.97 -6.12
N ALA A 186 1.52 26.15 -5.68
CA ALA A 186 0.54 25.08 -5.91
C ALA A 186 -0.88 25.66 -5.95
N ILE A 187 -1.80 24.94 -6.64
CA ILE A 187 -3.20 25.30 -6.55
C ILE A 187 -4.01 24.01 -6.47
N LEU A 188 -5.02 24.00 -5.57
CA LEU A 188 -5.93 22.87 -5.41
C LEU A 188 -7.15 23.11 -6.30
N LEU A 189 -7.35 22.25 -7.29
CA LEU A 189 -8.54 22.41 -8.12
C LEU A 189 -9.67 21.69 -7.40
N LYS A 190 -10.65 22.44 -6.90
CA LYS A 190 -11.61 21.79 -6.02
C LYS A 190 -12.35 20.68 -6.81
N ASN A 191 -12.65 19.59 -6.10
CA ASN A 191 -13.38 18.47 -6.68
C ASN A 191 -12.67 17.95 -7.92
N HIS A 192 -11.33 17.96 -7.89
CA HIS A 192 -10.58 17.62 -9.09
C HIS A 192 -9.22 17.05 -8.67
N GLY A 193 -8.29 17.90 -8.22
CA GLY A 193 -6.97 17.38 -7.86
C GLY A 193 -5.93 18.49 -7.72
N LEU A 194 -4.64 18.08 -7.69
CA LEU A 194 -3.55 18.98 -7.34
C LEU A 194 -2.83 19.48 -8.61
N VAL A 195 -2.32 20.71 -8.54
CA VAL A 195 -1.37 21.23 -9.52
C VAL A 195 -0.19 21.83 -8.75
N THR A 196 1.06 21.50 -9.16
CA THR A 196 2.18 22.28 -8.64
C THR A 196 2.99 22.85 -9.80
N VAL A 197 3.81 23.86 -9.47
CA VAL A 197 4.69 24.48 -10.44
C VAL A 197 6.08 24.56 -9.80
N GLY A 198 7.08 24.85 -10.64
CA GLY A 198 8.38 25.11 -10.07
C GLY A 198 9.27 25.82 -11.06
N GLU A 199 10.24 26.57 -10.52
N GLU A 199 10.24 26.56 -10.52
CA GLU A 199 11.29 27.19 -11.32
CA GLU A 199 11.29 27.19 -11.32
C GLU A 199 12.15 26.12 -12.00
C GLU A 199 12.15 26.12 -12.00
N THR A 200 12.13 24.90 -11.46
CA THR A 200 12.74 23.74 -12.11
C THR A 200 11.74 22.61 -12.07
N LEU A 201 11.89 21.67 -12.99
CA LEU A 201 11.12 20.43 -12.93
C LEU A 201 11.33 19.80 -11.54
N ASP A 202 12.57 19.81 -11.06
CA ASP A 202 12.89 19.10 -9.82
C ASP A 202 12.04 19.65 -8.68
N ALA A 203 12.07 20.97 -8.50
CA ALA A 203 11.30 21.58 -7.42
C ALA A 203 9.80 21.30 -7.61
N ALA A 204 9.27 21.43 -8.85
CA ALA A 204 7.87 21.16 -9.09
C ALA A 204 7.52 19.74 -8.65
N ALA A 205 8.37 18.78 -8.99
CA ALA A 205 8.07 17.38 -8.70
C ALA A 205 8.16 17.11 -7.19
N TRP A 206 9.12 17.77 -6.52
CA TRP A 206 9.16 17.70 -5.06
C TRP A 206 7.86 18.27 -4.46
N TRP A 207 7.44 19.47 -4.89
CA TRP A 207 6.22 20.04 -4.30
C TRP A 207 5.03 19.11 -4.53
N PHE A 208 4.94 18.47 -5.71
CA PHE A 208 3.80 17.58 -5.97
C PHE A 208 3.84 16.39 -5.01
N THR A 209 5.00 15.73 -4.92
CA THR A 209 5.21 14.59 -4.06
C THR A 209 4.81 14.95 -2.62
N LEU A 210 5.36 16.07 -2.16
CA LEU A 210 5.15 16.51 -0.79
C LEU A 210 3.68 16.85 -0.56
N LEU A 211 3.09 17.58 -1.51
CA LEU A 211 1.69 17.98 -1.40
C LEU A 211 0.77 16.77 -1.25
N ASP A 212 1.03 15.70 -2.01
CA ASP A 212 0.14 14.53 -1.92
C ASP A 212 0.24 13.88 -0.55
N THR A 213 1.48 13.74 -0.05
CA THR A 213 1.70 13.17 1.27
C THR A 213 1.02 14.04 2.32
N CYS A 214 1.12 15.38 2.19
CA CYS A 214 0.48 16.27 3.17
C CYS A 214 -1.05 16.10 3.16
N CYS A 215 -1.64 15.92 1.95
CA CYS A 215 -3.07 15.65 1.86
C CYS A 215 -3.41 14.35 2.56
N HIS A 216 -2.57 13.32 2.39
CA HIS A 216 -2.79 12.06 3.06
C HIS A 216 -2.83 12.24 4.59
N VAL A 217 -1.79 12.90 5.12
CA VAL A 217 -1.68 13.13 6.56
C VAL A 217 -2.90 13.92 7.07
N GLN A 218 -3.29 14.97 6.33
CA GLN A 218 -4.37 15.84 6.80
C GLN A 218 -5.67 15.03 6.88
N LEU A 219 -5.96 14.25 5.83
CA LEU A 219 -7.18 13.44 5.76
C LEU A 219 -7.21 12.45 6.93
N LEU A 220 -6.08 11.76 7.15
CA LEU A 220 -6.06 10.75 8.21
C LEU A 220 -6.25 11.40 9.58
N ALA A 221 -5.57 12.51 9.82
CA ALA A 221 -5.65 13.14 11.14
C ALA A 221 -7.06 13.67 11.35
N ASP A 222 -7.69 14.30 10.33
CA ASP A 222 -9.08 14.76 10.45
C ASP A 222 -10.04 13.59 10.71
N ALA A 223 -9.77 12.42 10.08
CA ALA A 223 -10.62 11.26 10.29
C ALA A 223 -10.47 10.74 11.72
N ALA A 224 -9.22 10.79 12.24
CA ALA A 224 -8.91 10.13 13.51
C ALA A 224 -9.40 10.99 14.68
N GLY A 225 -9.45 12.32 14.52
CA GLY A 225 -9.92 13.18 15.62
C GLY A 225 -9.84 14.66 15.24
N LYS A 226 -9.42 15.52 16.18
CA LYS A 226 -9.40 16.96 15.98
C LYS A 226 -7.99 17.49 16.20
N PRO A 227 -7.08 17.42 15.21
CA PRO A 227 -5.68 17.74 15.45
C PRO A 227 -5.44 19.23 15.57
N GLU A 228 -4.31 19.63 16.15
CA GLU A 228 -3.99 21.04 16.30
C GLU A 228 -2.94 21.44 15.27
N GLU A 229 -3.13 22.59 14.62
CA GLU A 229 -2.19 23.05 13.61
C GLU A 229 -1.07 23.86 14.25
N ILE A 230 0.02 24.02 13.50
CA ILE A 230 1.08 24.93 13.92
C ILE A 230 0.55 26.37 13.88
N PRO A 231 0.78 27.21 14.92
CA PRO A 231 0.38 28.61 14.83
C PRO A 231 1.00 29.37 13.65
N ALA A 232 0.30 30.38 13.14
CA ALA A 232 0.66 31.03 11.88
C ALA A 232 2.11 31.53 11.88
N GLU A 233 2.56 32.13 12.98
CA GLU A 233 3.87 32.76 13.04
C GLU A 233 4.98 31.72 12.88
N VAL A 234 4.81 30.57 13.55
CA VAL A 234 5.77 29.48 13.42
C VAL A 234 5.65 28.84 12.03
N ALA A 235 4.41 28.67 11.56
CA ALA A 235 4.21 28.05 10.25
C ALA A 235 4.91 28.87 9.17
N ARG A 236 4.82 30.21 9.29
CA ARG A 236 5.37 31.09 8.27
C ARG A 236 6.89 31.00 8.29
N LEU A 237 7.49 30.96 9.50
CA LEU A 237 8.93 30.83 9.63
C LEU A 237 9.39 29.50 9.02
N THR A 238 8.71 28.42 9.39
CA THR A 238 9.05 27.08 8.91
C THR A 238 8.90 27.03 7.39
N GLY A 239 7.80 27.61 6.88
CA GLY A 239 7.54 27.68 5.46
C GLY A 239 8.67 28.40 4.70
N ARG A 240 9.23 29.46 5.29
CA ARG A 240 10.33 30.16 4.65
C ARG A 240 11.58 29.28 4.67
N GLN A 241 11.81 28.56 5.78
CA GLN A 241 12.97 27.66 5.91
C GLN A 241 12.88 26.54 4.87
N LEU A 242 11.68 25.97 4.62
CA LEU A 242 11.61 24.72 3.87
C LEU A 242 10.92 24.91 2.52
N GLY A 243 10.44 26.12 2.21
CA GLY A 243 9.56 26.28 1.05
C GLY A 243 10.22 27.02 -0.13
N SER A 244 11.52 27.28 -0.03
CA SER A 244 12.23 27.99 -1.08
C SER A 244 12.50 27.05 -2.26
N HIS A 245 12.78 27.64 -3.43
CA HIS A 245 13.14 26.86 -4.60
C HIS A 245 14.36 25.99 -4.29
N LEU A 246 15.37 26.60 -3.64
CA LEU A 246 16.60 25.87 -3.36
C LEU A 246 16.31 24.59 -2.57
N LEU A 247 15.49 24.70 -1.53
CA LEU A 247 15.17 23.54 -0.71
C LEU A 247 14.37 22.50 -1.50
N GLY A 248 13.44 22.97 -2.33
CA GLY A 248 12.63 22.04 -3.13
C GLY A 248 13.50 21.29 -4.13
N TRP A 249 14.38 22.03 -4.82
CA TRP A 249 15.31 21.43 -5.79
C TRP A 249 16.15 20.36 -5.08
N ASN A 250 16.72 20.72 -3.92
CA ASN A 250 17.59 19.81 -3.19
C ASN A 250 16.84 18.56 -2.71
N SER A 251 15.61 18.74 -2.24
CA SER A 251 14.81 17.64 -1.70
C SER A 251 14.50 16.62 -2.79
N TYR A 252 14.37 17.08 -4.04
CA TYR A 252 13.99 16.17 -5.12
C TYR A 252 15.17 15.25 -5.46
N GLN A 253 16.41 15.68 -5.22
CA GLN A 253 17.55 14.94 -5.74
C GLN A 253 17.57 13.46 -5.36
N PRO A 254 17.41 13.04 -4.07
CA PRO A 254 17.38 11.62 -3.75
C PRO A 254 16.24 10.88 -4.47
N LEU A 255 15.12 11.57 -4.77
CA LEU A 255 13.99 10.92 -5.47
C LEU A 255 14.38 10.62 -6.91
N HIS A 256 15.07 11.57 -7.57
CA HIS A 256 15.59 11.34 -8.90
C HIS A 256 16.57 10.17 -8.86
N GLU A 257 17.52 10.20 -7.90
CA GLU A 257 18.54 9.18 -7.86
C GLU A 257 17.93 7.81 -7.56
N ALA A 258 16.93 7.79 -6.65
CA ALA A 258 16.32 6.50 -6.30
C ALA A 258 15.62 5.88 -7.53
N ALA A 259 14.91 6.73 -8.29
CA ALA A 259 14.21 6.30 -9.51
C ALA A 259 15.20 5.74 -10.51
N LEU A 260 16.37 6.38 -10.69
CA LEU A 260 17.40 5.82 -11.55
C LEU A 260 17.84 4.44 -11.12
N ALA A 261 18.09 4.28 -9.82
CA ALA A 261 18.62 3.03 -9.32
C ALA A 261 17.63 1.90 -9.58
N ARG A 262 16.33 2.21 -9.66
N ARG A 262 16.33 2.21 -9.66
CA ARG A 262 15.29 1.20 -9.85
CA ARG A 262 15.29 1.20 -9.85
C ARG A 262 15.25 0.69 -11.29
C ARG A 262 15.25 0.69 -11.29
N ASP A 263 15.59 1.54 -12.27
CA ASP A 263 15.61 1.10 -13.67
C ASP A 263 16.98 1.30 -14.28
N PRO A 264 17.86 0.27 -14.27
CA PRO A 264 19.14 0.31 -14.97
C PRO A 264 19.03 0.74 -16.44
N ASP A 265 17.93 0.36 -17.11
CA ASP A 265 17.78 0.64 -18.54
C ASP A 265 17.62 2.15 -18.76
N LEU A 266 16.74 2.78 -18.01
CA LEU A 266 16.60 4.23 -18.10
C LEU A 266 17.90 4.92 -17.66
N ALA A 267 18.51 4.41 -16.58
CA ALA A 267 19.74 4.98 -16.03
C ALA A 267 20.82 5.08 -17.11
N THR A 268 20.85 4.13 -18.06
CA THR A 268 21.88 4.18 -19.09
C THR A 268 21.65 5.32 -20.06
N MET A 269 20.44 5.89 -20.12
CA MET A 269 20.14 6.96 -21.07
C MET A 269 20.55 8.33 -20.51
N GLU A 270 21.15 8.36 -19.32
CA GLU A 270 21.54 9.60 -18.66
C GLU A 270 22.57 10.29 -19.53
N PRO A 271 22.39 11.60 -19.87
CA PRO A 271 23.42 12.30 -20.66
C PRO A 271 24.73 12.52 -19.89
N TYR B 18 -8.08 12.30 -33.21
CA TYR B 18 -7.49 12.62 -31.89
C TYR B 18 -7.47 11.39 -30.99
N PHE B 19 -8.62 10.72 -30.85
CA PHE B 19 -8.70 9.49 -30.08
C PHE B 19 -8.46 8.31 -31.01
N ARG B 20 -7.89 7.21 -30.50
CA ARG B 20 -7.86 5.98 -31.27
C ARG B 20 -9.24 5.33 -31.22
N GLN B 21 -9.48 4.46 -32.21
CA GLN B 21 -10.72 3.74 -32.39
C GLN B 21 -10.46 2.28 -32.04
N PRO B 22 -11.44 1.53 -31.49
CA PRO B 22 -11.30 0.08 -31.36
C PRO B 22 -11.08 -0.54 -32.75
N PRO B 23 -10.30 -1.65 -32.86
CA PRO B 23 -9.95 -2.22 -34.14
C PRO B 23 -11.10 -2.97 -34.82
N VAL B 24 -10.98 -3.18 -36.14
CA VAL B 24 -11.95 -4.03 -36.82
C VAL B 24 -11.19 -5.23 -37.39
N PHE B 25 -11.81 -6.40 -37.40
CA PHE B 25 -11.13 -7.61 -37.81
C PHE B 25 -11.84 -8.23 -39.01
N ASP B 26 -11.03 -8.89 -39.81
CA ASP B 26 -11.48 -9.49 -41.04
C ASP B 26 -11.99 -10.90 -40.79
N THR B 27 -11.57 -11.57 -39.70
CA THR B 27 -12.01 -12.93 -39.46
C THR B 27 -12.40 -13.05 -37.99
N TYR B 28 -13.29 -14.01 -37.70
CA TYR B 28 -13.64 -14.26 -36.30
C TYR B 28 -12.40 -14.74 -35.54
N ALA B 29 -11.55 -15.55 -36.18
CA ALA B 29 -10.40 -16.10 -35.51
C ALA B 29 -9.46 -14.97 -35.06
N GLU B 30 -9.26 -13.96 -35.92
CA GLU B 30 -8.41 -12.84 -35.52
C GLU B 30 -9.03 -12.04 -34.39
N HIS B 31 -10.34 -11.82 -34.48
CA HIS B 31 -11.03 -11.06 -33.44
C HIS B 31 -10.93 -11.78 -32.10
N ARG B 32 -11.16 -13.11 -32.14
CA ARG B 32 -11.15 -13.91 -30.94
C ARG B 32 -9.78 -13.89 -30.28
N ALA B 33 -8.70 -14.05 -31.07
CA ALA B 33 -7.37 -14.06 -30.50
C ALA B 33 -7.07 -12.73 -29.83
N TYR B 34 -7.51 -11.62 -30.44
CA TYR B 34 -7.33 -10.29 -29.86
C TYR B 34 -8.07 -10.18 -28.53
N LEU B 35 -9.33 -10.62 -28.50
CA LEU B 35 -10.13 -10.56 -27.27
C LEU B 35 -9.51 -11.39 -26.15
N LYS B 36 -9.09 -12.63 -26.46
CA LYS B 36 -8.56 -13.49 -25.40
C LYS B 36 -7.27 -12.88 -24.83
N PHE B 37 -6.44 -12.29 -25.69
CA PHE B 37 -5.20 -11.68 -25.23
C PHE B 37 -5.54 -10.49 -24.31
N ARG B 38 -6.43 -9.61 -24.77
CA ARG B 38 -6.83 -8.46 -23.95
C ARG B 38 -7.48 -8.89 -22.63
N HIS B 39 -8.26 -9.97 -22.68
CA HIS B 39 -8.92 -10.54 -21.50
C HIS B 39 -7.87 -10.97 -20.47
N ALA B 40 -6.85 -11.73 -20.91
CA ALA B 40 -5.81 -12.14 -19.98
C ALA B 40 -5.04 -10.93 -19.45
N VAL B 41 -4.71 -9.98 -20.32
CA VAL B 41 -3.98 -8.81 -19.83
C VAL B 41 -4.81 -8.02 -18.81
N ALA B 42 -6.10 -7.92 -19.02
CA ALA B 42 -6.94 -7.20 -18.07
C ALA B 42 -6.85 -7.87 -16.69
N LEU B 43 -6.87 -9.21 -16.67
CA LEU B 43 -6.72 -9.92 -15.40
C LEU B 43 -5.37 -9.65 -14.74
N ARG B 44 -4.30 -9.56 -15.55
CA ARG B 44 -3.01 -9.21 -14.98
C ARG B 44 -3.03 -7.79 -14.40
N HIS B 45 -3.69 -6.86 -15.10
CA HIS B 45 -3.84 -5.48 -14.62
C HIS B 45 -4.55 -5.47 -13.25
N PHE B 46 -5.63 -6.24 -13.15
CA PHE B 46 -6.38 -6.29 -11.91
C PHE B 46 -5.63 -7.00 -10.79
N ALA B 47 -4.81 -8.02 -11.13
CA ALA B 47 -3.99 -8.66 -10.12
C ALA B 47 -3.03 -7.64 -9.50
N ARG B 48 -2.43 -6.83 -10.36
CA ARG B 48 -1.43 -5.88 -9.90
C ARG B 48 -2.07 -4.85 -8.95
N LEU B 49 -3.35 -4.52 -9.17
CA LEU B 49 -4.08 -3.62 -8.28
C LEU B 49 -4.48 -4.32 -6.97
N GLY B 50 -4.24 -5.63 -6.86
CA GLY B 50 -4.62 -6.37 -5.65
C GLY B 50 -6.06 -6.88 -5.68
N PHE B 51 -6.69 -6.92 -6.86
CA PHE B 51 -8.08 -7.36 -6.93
C PHE B 51 -8.15 -8.88 -7.15
N ASP B 52 -7.02 -9.56 -6.95
CA ASP B 52 -6.86 -10.99 -7.13
C ASP B 52 -6.81 -11.71 -5.76
N GLN B 53 -7.14 -11.02 -4.67
CA GLN B 53 -7.01 -11.59 -3.33
C GLN B 53 -8.29 -12.31 -2.86
N ASP B 54 -9.35 -12.35 -3.70
CA ASP B 54 -10.76 -12.55 -3.33
C ASP B 54 -11.17 -14.01 -3.44
N GLY B 55 -10.15 -14.90 -3.54
CA GLY B 55 -10.35 -16.34 -3.69
C GLY B 55 -10.95 -16.64 -5.07
N LEU B 56 -12.20 -17.13 -5.08
CA LEU B 56 -12.87 -17.58 -6.28
C LEU B 56 -13.85 -16.53 -6.83
N ALA B 57 -13.89 -15.32 -6.22
CA ALA B 57 -15.01 -14.42 -6.43
C ALA B 57 -14.93 -13.66 -7.76
N GLY B 58 -13.74 -13.47 -8.34
CA GLY B 58 -13.67 -12.49 -9.41
C GLY B 58 -13.95 -13.11 -10.78
N LEU B 59 -14.68 -12.37 -11.61
CA LEU B 59 -15.02 -12.88 -12.93
C LEU B 59 -14.99 -11.76 -13.96
N ILE B 60 -14.37 -12.06 -15.11
CA ILE B 60 -14.56 -11.25 -16.29
C ILE B 60 -15.07 -12.14 -17.42
N THR B 61 -16.19 -11.75 -18.04
CA THR B 61 -16.73 -12.46 -19.20
C THR B 61 -16.65 -11.56 -20.43
N VAL B 62 -16.36 -12.18 -21.59
CA VAL B 62 -16.22 -11.48 -22.86
C VAL B 62 -16.99 -12.32 -23.89
N ALA B 63 -18.00 -11.69 -24.55
CA ALA B 63 -18.79 -12.43 -25.52
C ALA B 63 -17.89 -12.94 -26.65
N ASP B 64 -18.05 -14.19 -27.05
CA ASP B 64 -17.36 -14.66 -28.24
C ASP B 64 -17.95 -13.95 -29.45
N PRO B 65 -17.13 -13.46 -30.42
CA PRO B 65 -17.69 -12.69 -31.54
C PRO B 65 -18.45 -13.53 -32.57
N GLU B 66 -18.27 -14.85 -32.53
CA GLU B 66 -18.90 -15.72 -33.52
C GLU B 66 -20.05 -16.51 -32.91
N HIS B 67 -19.81 -17.09 -31.72
CA HIS B 67 -20.71 -18.09 -31.18
C HIS B 67 -21.64 -17.43 -30.18
N ALA B 68 -22.88 -17.21 -30.65
CA ALA B 68 -23.89 -16.45 -29.93
C ALA B 68 -24.13 -17.10 -28.56
N ASP B 69 -24.27 -16.22 -27.57
CA ASP B 69 -24.71 -16.61 -26.23
C ASP B 69 -23.71 -17.55 -25.57
N THR B 70 -22.43 -17.43 -25.97
CA THR B 70 -21.34 -18.04 -25.25
C THR B 70 -20.26 -17.00 -24.94
N TYR B 71 -19.53 -17.21 -23.82
CA TYR B 71 -18.71 -16.15 -23.24
C TYR B 71 -17.37 -16.73 -22.79
N TRP B 72 -16.26 -16.06 -23.13
CA TRP B 72 -14.96 -16.40 -22.56
C TRP B 72 -14.94 -15.95 -21.10
N ALA B 73 -14.29 -16.74 -20.25
CA ALA B 73 -14.27 -16.43 -18.82
C ALA B 73 -12.94 -16.92 -18.25
N ASN B 74 -12.52 -16.31 -17.14
CA ASN B 74 -11.43 -16.89 -16.37
C ASN B 74 -11.97 -18.09 -15.61
N PRO B 75 -11.25 -19.23 -15.58
CA PRO B 75 -11.72 -20.41 -14.90
C PRO B 75 -11.60 -20.31 -13.38
N LEU B 76 -12.46 -21.06 -12.70
CA LEU B 76 -12.49 -21.07 -11.25
C LEU B 76 -11.10 -21.41 -10.71
N ALA B 77 -10.63 -20.57 -9.82
CA ALA B 77 -9.46 -20.84 -8.97
C ALA B 77 -8.12 -20.56 -9.68
N HIS B 78 -8.13 -20.11 -10.94
CA HIS B 78 -6.86 -19.82 -11.60
C HIS B 78 -6.42 -18.42 -11.14
N PRO B 79 -5.21 -18.22 -10.56
CA PRO B 79 -4.85 -16.88 -10.08
C PRO B 79 -4.75 -15.88 -11.23
N PHE B 80 -5.27 -14.67 -11.05
CA PHE B 80 -5.24 -13.67 -12.11
C PHE B 80 -3.80 -13.39 -12.57
N SER B 81 -2.86 -13.42 -11.62
CA SER B 81 -1.46 -13.03 -11.90
C SER B 81 -0.78 -13.95 -12.90
N THR B 82 -1.29 -15.18 -13.15
CA THR B 82 -0.58 -16.11 -14.03
C THR B 82 -1.40 -16.45 -15.27
N ILE B 83 -2.61 -15.90 -15.37
CA ILE B 83 -3.53 -16.40 -16.40
C ILE B 83 -3.06 -16.01 -17.81
N THR B 84 -3.22 -16.93 -18.76
CA THR B 84 -2.87 -16.67 -20.15
C THR B 84 -4.10 -16.92 -21.01
N PRO B 85 -4.11 -16.47 -22.29
CA PRO B 85 -5.24 -16.74 -23.18
C PRO B 85 -5.68 -18.21 -23.21
N ALA B 86 -4.70 -19.12 -23.19
CA ALA B 86 -4.97 -20.56 -23.25
C ALA B 86 -5.73 -21.05 -22.02
N ASP B 87 -5.69 -20.33 -20.91
CA ASP B 87 -6.41 -20.70 -19.70
C ASP B 87 -7.89 -20.33 -19.75
N LEU B 88 -8.27 -19.42 -20.66
CA LEU B 88 -9.65 -18.95 -20.68
C LEU B 88 -10.56 -20.08 -21.16
N ILE B 89 -11.77 -20.09 -20.61
CA ILE B 89 -12.72 -21.12 -21.00
C ILE B 89 -13.91 -20.42 -21.67
N ARG B 90 -14.57 -21.11 -22.59
CA ARG B 90 -15.76 -20.54 -23.22
C ARG B 90 -16.96 -21.27 -22.63
N VAL B 91 -17.94 -20.48 -22.17
CA VAL B 91 -19.00 -21.00 -21.34
C VAL B 91 -20.32 -20.69 -22.06
N ASP B 92 -21.21 -21.69 -22.10
CA ASP B 92 -22.54 -21.52 -22.64
C ASP B 92 -23.39 -20.66 -21.67
N GLY B 93 -24.05 -19.64 -22.22
CA GLY B 93 -24.78 -18.67 -21.41
C GLY B 93 -25.90 -19.34 -20.61
N ASP B 94 -26.65 -20.23 -21.25
CA ASP B 94 -27.85 -20.80 -20.64
C ASP B 94 -27.52 -21.86 -19.59
N SER B 95 -26.56 -22.74 -19.87
CA SER B 95 -26.29 -23.90 -19.03
C SER B 95 -25.13 -23.64 -18.05
N ALA B 96 -24.33 -22.61 -18.30
CA ALA B 96 -23.06 -22.34 -17.61
C ALA B 96 -22.06 -23.51 -17.81
N GLU B 97 -22.28 -24.31 -18.84
CA GLU B 97 -21.36 -25.41 -19.14
C GLU B 97 -20.17 -24.86 -19.91
N THR B 98 -18.95 -25.35 -19.59
CA THR B 98 -17.76 -25.01 -20.36
C THR B 98 -17.83 -25.78 -21.69
N VAL B 99 -17.86 -25.04 -22.81
CA VAL B 99 -18.00 -25.67 -24.11
C VAL B 99 -16.64 -25.70 -24.81
N GLU B 100 -15.67 -24.93 -24.30
CA GLU B 100 -14.30 -24.98 -24.82
C GLU B 100 -13.37 -24.78 -23.62
N GLY B 101 -12.43 -25.70 -23.43
CA GLY B 101 -11.62 -25.75 -22.23
C GLY B 101 -12.14 -26.89 -21.32
N GLN B 102 -11.55 -27.09 -20.16
CA GLN B 102 -11.92 -28.26 -19.37
C GLN B 102 -12.53 -27.80 -18.05
N ARG B 103 -12.02 -26.68 -17.52
CA ARG B 103 -12.35 -26.25 -16.17
C ARG B 103 -13.69 -25.53 -16.16
N ARG B 104 -14.28 -25.35 -14.97
CA ARG B 104 -15.56 -24.69 -14.78
C ARG B 104 -15.38 -23.21 -14.43
N VAL B 105 -16.42 -22.43 -14.74
CA VAL B 105 -16.54 -21.06 -14.29
C VAL B 105 -17.15 -21.06 -12.88
N ASN B 106 -16.98 -19.94 -12.17
CA ASN B 106 -17.75 -19.67 -10.95
C ASN B 106 -19.22 -19.51 -11.36
N ILE B 107 -20.04 -20.51 -11.02
CA ILE B 107 -21.40 -20.55 -11.55
C ILE B 107 -22.29 -19.43 -10.97
N ALA B 108 -22.05 -19.03 -9.71
CA ALA B 108 -22.82 -17.94 -9.08
C ALA B 108 -22.55 -16.62 -9.77
N ALA B 109 -21.28 -16.28 -9.90
CA ALA B 109 -20.93 -15.04 -10.57
C ALA B 109 -21.38 -15.11 -12.03
N PHE B 110 -21.24 -16.29 -12.66
CA PHE B 110 -21.57 -16.42 -14.08
C PHE B 110 -23.06 -16.19 -14.32
N ASN B 111 -23.92 -16.62 -13.39
CA ASN B 111 -25.35 -16.41 -13.49
C ASN B 111 -25.68 -14.91 -13.63
N ILE B 112 -25.01 -14.07 -12.83
CA ILE B 112 -25.17 -12.64 -12.92
C ILE B 112 -24.70 -12.15 -14.30
N HIS B 113 -23.49 -12.57 -14.71
CA HIS B 113 -22.94 -12.06 -15.98
C HIS B 113 -23.80 -12.51 -17.16
N ALA B 114 -24.24 -13.78 -17.19
CA ALA B 114 -24.98 -14.27 -18.35
C ALA B 114 -26.29 -13.50 -18.50
N GLU B 115 -26.92 -13.20 -17.36
CA GLU B 115 -28.18 -12.45 -17.41
C GLU B 115 -27.95 -11.03 -17.90
N ILE B 116 -26.87 -10.40 -17.44
CA ILE B 116 -26.53 -9.06 -17.91
C ILE B 116 -26.23 -9.10 -19.41
N HIS B 117 -25.40 -10.06 -19.87
CA HIS B 117 -25.14 -10.21 -21.30
C HIS B 117 -26.41 -10.36 -22.11
N ARG B 118 -27.36 -11.21 -21.61
CA ARG B 118 -28.58 -11.46 -22.34
C ARG B 118 -29.39 -10.17 -22.44
N ALA B 119 -29.39 -9.38 -21.37
CA ALA B 119 -30.20 -8.17 -21.28
C ALA B 119 -29.55 -7.02 -22.09
N ARG B 120 -28.24 -7.14 -22.40
CA ARG B 120 -27.48 -6.01 -22.96
C ARG B 120 -26.71 -6.47 -24.20
N PRO B 121 -27.39 -6.58 -25.37
CA PRO B 121 -26.72 -6.98 -26.61
C PRO B 121 -25.60 -6.04 -27.03
N ASP B 122 -25.62 -4.79 -26.54
CA ASP B 122 -24.54 -3.82 -26.82
C ASP B 122 -23.25 -4.13 -26.05
N VAL B 123 -23.33 -4.97 -25.01
CA VAL B 123 -22.21 -5.15 -24.07
C VAL B 123 -21.34 -6.32 -24.54
N GLN B 124 -20.04 -6.10 -24.67
CA GLN B 124 -19.10 -7.18 -24.96
C GLN B 124 -18.58 -7.83 -23.66
N ALA B 125 -18.46 -7.06 -22.58
CA ALA B 125 -17.72 -7.53 -21.40
C ALA B 125 -18.43 -7.12 -20.12
N VAL B 126 -18.39 -8.04 -19.11
CA VAL B 126 -18.93 -7.75 -17.79
C VAL B 126 -17.84 -8.11 -16.77
N ILE B 127 -17.62 -7.21 -15.79
CA ILE B 127 -16.53 -7.37 -14.83
C ILE B 127 -17.11 -7.27 -13.43
N HIS B 128 -16.81 -8.27 -12.61
CA HIS B 128 -17.21 -8.25 -11.21
C HIS B 128 -16.04 -8.83 -10.41
N LEU B 129 -15.40 -7.99 -9.62
CA LEU B 129 -14.29 -8.41 -8.75
C LEU B 129 -14.59 -7.94 -7.35
N HIS B 130 -14.13 -8.70 -6.34
CA HIS B 130 -14.44 -8.29 -4.98
C HIS B 130 -13.25 -7.47 -4.49
N THR B 131 -13.45 -6.20 -4.12
CA THR B 131 -12.34 -5.32 -3.80
C THR B 131 -12.61 -4.71 -2.43
N VAL B 132 -11.59 -4.14 -1.81
CA VAL B 132 -11.80 -3.57 -0.48
C VAL B 132 -12.70 -2.35 -0.56
N TYR B 133 -12.38 -1.36 -1.44
CA TYR B 133 -13.09 -0.09 -1.44
C TYR B 133 -14.51 -0.31 -1.98
N GLY B 134 -14.62 -1.17 -2.99
CA GLY B 134 -15.91 -1.51 -3.56
C GLY B 134 -16.82 -2.20 -2.56
N ARG B 135 -16.28 -3.17 -1.81
N ARG B 135 -16.29 -3.18 -1.82
CA ARG B 135 -17.04 -3.86 -0.79
CA ARG B 135 -17.05 -3.86 -0.77
C ARG B 135 -17.49 -2.84 0.26
C ARG B 135 -17.50 -2.85 0.28
N ALA B 136 -16.55 -2.02 0.75
CA ALA B 136 -16.85 -1.08 1.82
C ALA B 136 -17.95 -0.10 1.39
N PHE B 137 -17.80 0.49 0.20
CA PHE B 137 -18.76 1.47 -0.27
C PHE B 137 -20.13 0.81 -0.52
N SER B 138 -20.10 -0.43 -1.02
CA SER B 138 -21.35 -1.14 -1.32
C SER B 138 -22.16 -1.40 -0.06
N ALA B 139 -21.53 -1.37 1.13
CA ALA B 139 -22.24 -1.63 2.37
C ALA B 139 -23.22 -0.49 2.68
N PHE B 140 -23.10 0.66 1.99
CA PHE B 140 -23.98 1.79 2.28
C PHE B 140 -25.24 1.80 1.41
N ALA B 141 -25.31 0.93 0.38
CA ALA B 141 -26.48 0.85 -0.49
C ALA B 141 -26.80 2.25 -1.02
N ARG B 142 -25.79 2.94 -1.56
CA ARG B 142 -25.90 4.35 -1.87
C ARG B 142 -25.23 4.58 -3.23
N LYS B 143 -25.84 5.46 -4.07
CA LYS B 143 -25.18 5.78 -5.33
C LYS B 143 -23.86 6.50 -5.07
N LEU B 144 -22.90 6.30 -5.98
CA LEU B 144 -21.62 6.99 -5.89
C LEU B 144 -21.85 8.47 -6.21
N PRO B 145 -21.62 9.39 -5.26
CA PRO B 145 -21.87 10.80 -5.51
C PRO B 145 -20.87 11.37 -6.52
N PRO B 146 -21.19 12.46 -7.23
CA PRO B 146 -20.22 13.12 -8.09
C PRO B 146 -19.26 14.01 -7.28
N LEU B 147 -18.41 13.36 -6.50
CA LEU B 147 -17.60 14.09 -5.54
C LEU B 147 -16.44 14.81 -6.24
N THR B 148 -15.88 14.17 -7.28
CA THR B 148 -14.79 14.77 -8.02
C THR B 148 -15.09 14.56 -9.51
N GLN B 149 -14.33 15.23 -10.35
CA GLN B 149 -14.49 15.08 -11.78
C GLN B 149 -14.48 13.61 -12.18
N ASP B 150 -13.57 12.83 -11.56
CA ASP B 150 -13.38 11.43 -11.94
C ASP B 150 -14.59 10.54 -11.65
N ALA B 151 -15.46 10.97 -10.72
CA ALA B 151 -16.65 10.20 -10.36
C ALA B 151 -17.82 10.54 -11.31
N CYS B 152 -17.68 11.63 -12.07
CA CYS B 152 -18.77 12.09 -12.93
C CYS B 152 -19.15 11.11 -14.03
N PRO B 153 -18.25 10.27 -14.61
CA PRO B 153 -18.68 9.25 -15.58
C PRO B 153 -19.80 8.34 -15.09
N PHE B 154 -19.96 8.22 -13.75
CA PHE B 154 -21.01 7.36 -13.19
C PHE B 154 -22.28 8.14 -12.90
N PHE B 155 -22.20 9.48 -12.97
CA PHE B 155 -23.33 10.29 -12.54
C PHE B 155 -24.55 10.03 -13.45
N GLU B 156 -25.69 9.65 -12.86
CA GLU B 156 -26.88 9.29 -13.62
C GLU B 156 -26.60 8.19 -14.64
N ASP B 157 -25.59 7.37 -14.36
CA ASP B 157 -25.29 6.25 -15.23
C ASP B 157 -24.85 5.04 -14.44
N HIS B 158 -25.39 4.87 -13.23
CA HIS B 158 -25.14 3.60 -12.53
C HIS B 158 -26.31 3.37 -11.57
N GLU B 159 -26.44 2.14 -11.09
CA GLU B 159 -27.54 1.81 -10.19
C GLU B 159 -26.99 1.15 -8.93
N VAL B 160 -27.87 1.06 -7.90
CA VAL B 160 -27.64 0.24 -6.73
C VAL B 160 -28.63 -0.92 -6.80
N PHE B 161 -28.12 -2.16 -6.69
CA PHE B 161 -29.03 -3.28 -6.52
C PHE B 161 -29.30 -3.37 -5.01
N ASP B 162 -30.53 -3.12 -4.61
CA ASP B 162 -30.83 -2.87 -3.20
C ASP B 162 -31.47 -4.10 -2.56
N ASP B 163 -30.90 -5.26 -2.89
CA ASP B 163 -31.26 -6.52 -2.25
C ASP B 163 -29.96 -7.33 -2.10
N PHE B 164 -29.95 -8.23 -1.11
CA PHE B 164 -28.83 -9.15 -0.95
C PHE B 164 -29.42 -10.43 -0.40
N THR B 165 -29.35 -11.51 -1.19
CA THR B 165 -29.98 -12.76 -0.76
C THR B 165 -28.97 -13.92 -0.75
N GLY B 166 -27.68 -13.60 -0.66
CA GLY B 166 -26.66 -14.62 -0.63
C GLY B 166 -26.11 -14.84 -2.02
N LEU B 167 -25.52 -16.03 -2.25
CA LEU B 167 -24.93 -16.32 -3.56
C LEU B 167 -26.05 -16.34 -4.59
N VAL B 168 -25.72 -15.90 -5.80
CA VAL B 168 -26.69 -15.88 -6.89
C VAL B 168 -26.70 -17.25 -7.57
N LEU B 169 -27.52 -18.16 -7.01
CA LEU B 169 -27.53 -19.55 -7.44
C LEU B 169 -28.73 -19.81 -8.34
N ALA B 170 -29.65 -18.83 -8.42
CA ALA B 170 -30.83 -18.90 -9.28
C ALA B 170 -30.73 -17.82 -10.35
N LYS B 171 -30.94 -18.22 -11.63
CA LYS B 171 -30.91 -17.30 -12.75
C LYS B 171 -31.83 -16.10 -12.50
N ASP B 172 -32.88 -16.27 -11.69
CA ASP B 172 -33.86 -15.23 -11.45
C ASP B 172 -33.22 -14.02 -10.75
N ASP B 173 -32.27 -14.28 -9.84
CA ASP B 173 -31.56 -13.23 -9.14
C ASP B 173 -30.60 -12.51 -10.11
N GLY B 174 -29.97 -13.24 -11.01
CA GLY B 174 -29.22 -12.61 -12.08
C GLY B 174 -30.12 -11.71 -12.95
N ARG B 175 -31.31 -12.20 -13.29
N ARG B 175 -31.32 -12.20 -13.29
CA ARG B 175 -32.29 -11.45 -14.06
CA ARG B 175 -32.29 -11.44 -14.06
C ARG B 175 -32.63 -10.13 -13.35
C ARG B 175 -32.63 -10.13 -13.35
N ARG B 176 -32.86 -10.18 -12.03
CA ARG B 176 -33.21 -8.98 -11.26
C ARG B 176 -32.09 -7.95 -11.30
N ILE B 177 -30.82 -8.42 -11.22
CA ILE B 177 -29.69 -7.49 -11.26
C ILE B 177 -29.62 -6.85 -12.65
N ALA B 178 -29.76 -7.68 -13.70
CA ALA B 178 -29.71 -7.20 -15.07
C ALA B 178 -30.82 -6.18 -15.31
N LYS B 179 -32.02 -6.44 -14.78
CA LYS B 179 -33.12 -5.51 -14.94
C LYS B 179 -32.79 -4.17 -14.28
N GLN B 180 -32.21 -4.18 -13.08
CA GLN B 180 -31.93 -2.95 -12.35
C GLN B 180 -30.80 -2.18 -13.04
N LEU B 181 -29.86 -2.88 -13.71
CA LEU B 181 -28.76 -2.21 -14.37
C LEU B 181 -29.29 -1.33 -15.53
N ARG B 182 -30.35 -1.77 -16.19
CA ARG B 182 -30.92 -1.06 -17.34
C ARG B 182 -29.81 -0.79 -18.36
N GLY B 183 -29.71 0.47 -18.85
CA GLY B 183 -28.71 0.80 -19.86
C GLY B 183 -27.42 1.38 -19.27
N HIS B 184 -27.22 1.25 -17.96
CA HIS B 184 -26.12 1.93 -17.27
C HIS B 184 -24.80 1.17 -17.43
N LYS B 185 -23.70 1.87 -17.05
CA LYS B 185 -22.35 1.32 -17.20
C LYS B 185 -21.95 0.51 -15.97
N ALA B 186 -22.68 0.64 -14.84
CA ALA B 186 -22.25 -0.06 -13.63
C ALA B 186 -23.43 -0.28 -12.68
N ILE B 187 -23.29 -1.29 -11.80
CA ILE B 187 -24.28 -1.45 -10.74
C ILE B 187 -23.53 -1.86 -9.46
N LEU B 188 -23.94 -1.28 -8.32
CA LEU B 188 -23.34 -1.59 -7.02
C LEU B 188 -24.23 -2.64 -6.35
N LEU B 189 -23.68 -3.83 -6.13
CA LEU B 189 -24.48 -4.87 -5.46
C LEU B 189 -24.31 -4.66 -3.96
N LYS B 190 -25.38 -4.23 -3.28
CA LYS B 190 -25.19 -3.81 -1.90
C LYS B 190 -24.66 -4.99 -1.05
N ASN B 191 -23.79 -4.64 -0.08
CA ASN B 191 -23.21 -5.64 0.81
C ASN B 191 -22.51 -6.74 0.02
N HIS B 192 -21.90 -6.39 -1.13
CA HIS B 192 -21.33 -7.40 -1.98
C HIS B 192 -20.15 -6.79 -2.75
N GLY B 193 -20.41 -5.94 -3.75
CA GLY B 193 -19.31 -5.28 -4.46
C GLY B 193 -19.76 -4.71 -5.81
N LEU B 194 -18.78 -4.40 -6.68
CA LEU B 194 -19.01 -3.63 -7.90
C LEU B 194 -19.17 -4.55 -9.11
N VAL B 195 -19.97 -4.10 -10.08
CA VAL B 195 -20.05 -4.70 -11.40
C VAL B 195 -19.96 -3.58 -12.43
N THR B 196 -19.10 -3.72 -13.47
CA THR B 196 -19.21 -2.79 -14.59
C THR B 196 -19.41 -3.57 -15.89
N VAL B 197 -19.82 -2.85 -16.94
CA VAL B 197 -20.01 -3.42 -18.25
C VAL B 197 -19.35 -2.51 -19.27
N GLY B 198 -19.16 -3.04 -20.50
CA GLY B 198 -18.72 -2.14 -21.55
C GLY B 198 -19.00 -2.74 -22.93
N GLU B 199 -19.13 -1.86 -23.91
CA GLU B 199 -19.20 -2.21 -25.31
C GLU B 199 -17.91 -2.89 -25.76
N THR B 200 -16.81 -2.67 -25.03
CA THR B 200 -15.55 -3.39 -25.22
C THR B 200 -15.06 -3.80 -23.85
N LEU B 201 -14.24 -4.84 -23.84
CA LEU B 201 -13.56 -5.23 -22.63
C LEU B 201 -12.79 -4.02 -22.08
N ASP B 202 -12.12 -3.28 -22.97
CA ASP B 202 -11.26 -2.20 -22.52
C ASP B 202 -12.07 -1.18 -21.72
N ALA B 203 -13.19 -0.72 -22.29
CA ALA B 203 -14.02 0.27 -21.60
C ALA B 203 -14.52 -0.29 -20.27
N ALA B 204 -15.00 -1.57 -20.26
CA ALA B 204 -15.47 -2.16 -19.03
C ALA B 204 -14.36 -2.14 -17.95
N ALA B 205 -13.11 -2.48 -18.35
CA ALA B 205 -12.03 -2.56 -17.39
C ALA B 205 -11.64 -1.17 -16.89
N TRP B 206 -11.68 -0.16 -17.79
CA TRP B 206 -11.50 1.21 -17.33
C TRP B 206 -12.59 1.61 -16.31
N TRP B 207 -13.88 1.34 -16.61
CA TRP B 207 -14.91 1.73 -15.66
C TRP B 207 -14.69 1.06 -14.30
N PHE B 208 -14.27 -0.24 -14.31
CA PHE B 208 -14.08 -0.93 -13.05
C PHE B 208 -12.93 -0.29 -12.25
N THR B 209 -11.79 -0.06 -12.93
CA THR B 209 -10.61 0.55 -12.29
C THR B 209 -11.04 1.90 -11.68
N LEU B 210 -11.72 2.72 -12.49
CA LEU B 210 -12.06 4.08 -12.08
C LEU B 210 -13.08 4.02 -10.92
N LEU B 211 -14.08 3.15 -11.04
CA LEU B 211 -15.11 3.02 -10.00
C LEU B 211 -14.47 2.67 -8.66
N ASP B 212 -13.50 1.73 -8.63
CA ASP B 212 -12.89 1.36 -7.35
C ASP B 212 -12.16 2.55 -6.73
N THR B 213 -11.40 3.28 -7.54
CA THR B 213 -10.69 4.44 -7.06
C THR B 213 -11.69 5.48 -6.52
N CYS B 214 -12.82 5.66 -7.24
CA CYS B 214 -13.82 6.64 -6.78
C CYS B 214 -14.41 6.22 -5.43
N CYS B 215 -14.66 4.89 -5.25
CA CYS B 215 -15.13 4.40 -3.95
C CYS B 215 -14.10 4.71 -2.87
N HIS B 216 -12.81 4.51 -3.18
CA HIS B 216 -11.76 4.79 -2.22
C HIS B 216 -11.81 6.25 -1.78
N VAL B 217 -11.83 7.16 -2.76
CA VAL B 217 -11.83 8.60 -2.52
C VAL B 217 -13.07 8.99 -1.70
N GLN B 218 -14.24 8.44 -2.05
CA GLN B 218 -15.48 8.83 -1.37
C GLN B 218 -15.40 8.43 0.12
N LEU B 219 -14.94 7.20 0.37
CA LEU B 219 -14.84 6.69 1.75
C LEU B 219 -13.88 7.56 2.55
N LEU B 220 -12.70 7.89 1.96
CA LEU B 220 -11.73 8.70 2.68
C LEU B 220 -12.31 10.08 3.00
N ALA B 221 -12.95 10.71 2.00
CA ALA B 221 -13.44 12.07 2.20
C ALA B 221 -14.55 12.05 3.27
N ASP B 222 -15.46 11.06 3.21
CA ASP B 222 -16.52 10.96 4.24
C ASP B 222 -15.94 10.72 5.63
N ALA B 223 -14.86 9.92 5.71
CA ALA B 223 -14.22 9.70 7.02
C ALA B 223 -13.59 10.99 7.54
N ALA B 224 -12.99 11.77 6.62
CA ALA B 224 -12.21 12.93 7.04
C ALA B 224 -13.11 14.11 7.46
N GLY B 225 -14.29 14.22 6.87
CA GLY B 225 -15.18 15.35 7.22
C GLY B 225 -16.48 15.30 6.43
N LYS B 226 -16.96 16.48 6.00
CA LYS B 226 -18.20 16.59 5.24
C LYS B 226 -17.88 17.29 3.93
N PRO B 227 -17.45 16.57 2.87
CA PRO B 227 -17.03 17.21 1.64
C PRO B 227 -18.24 17.70 0.83
N GLU B 228 -18.03 18.61 -0.12
CA GLU B 228 -19.11 19.07 -0.98
C GLU B 228 -19.01 18.36 -2.33
N GLU B 229 -20.14 17.94 -2.88
CA GLU B 229 -20.17 17.32 -4.20
C GLU B 229 -20.23 18.39 -5.29
N ILE B 230 -19.90 17.97 -6.51
CA ILE B 230 -20.15 18.83 -7.66
C ILE B 230 -21.66 18.97 -7.84
N PRO B 231 -22.20 20.19 -8.10
CA PRO B 231 -23.63 20.33 -8.39
C PRO B 231 -24.09 19.49 -9.57
N ALA B 232 -25.34 18.97 -9.50
CA ALA B 232 -25.83 18.01 -10.49
C ALA B 232 -25.64 18.52 -11.93
N GLU B 233 -25.89 19.82 -12.17
CA GLU B 233 -25.87 20.39 -13.52
C GLU B 233 -24.48 20.27 -14.14
N VAL B 234 -23.45 20.57 -13.33
CA VAL B 234 -22.06 20.46 -13.75
C VAL B 234 -21.69 18.98 -13.88
N ALA B 235 -22.12 18.16 -12.89
CA ALA B 235 -21.76 16.76 -12.88
C ALA B 235 -22.24 16.09 -14.16
N ARG B 236 -23.48 16.45 -14.59
CA ARG B 236 -24.07 15.78 -15.74
C ARG B 236 -23.31 16.15 -17.02
N LEU B 237 -22.91 17.40 -17.15
CA LEU B 237 -22.12 17.86 -18.29
C LEU B 237 -20.76 17.17 -18.31
N THR B 238 -20.08 17.16 -17.15
CA THR B 238 -18.77 16.52 -17.02
C THR B 238 -18.89 15.04 -17.34
N GLY B 239 -19.95 14.41 -16.80
CA GLY B 239 -20.19 12.99 -16.99
C GLY B 239 -20.36 12.63 -18.45
N ARG B 240 -21.02 13.53 -19.21
CA ARG B 240 -21.18 13.29 -20.64
C ARG B 240 -19.82 13.33 -21.32
N GLN B 241 -18.98 14.31 -20.94
CA GLN B 241 -17.66 14.48 -21.54
C GLN B 241 -16.78 13.26 -21.25
N LEU B 242 -16.83 12.72 -20.02
CA LEU B 242 -15.84 11.74 -19.61
C LEU B 242 -16.40 10.33 -19.50
N GLY B 243 -17.71 10.17 -19.71
CA GLY B 243 -18.34 8.86 -19.52
C GLY B 243 -18.67 8.12 -20.81
N SER B 244 -18.18 8.58 -21.98
CA SER B 244 -18.52 7.93 -23.23
C SER B 244 -17.66 6.66 -23.42
N HIS B 245 -18.13 5.75 -24.27
CA HIS B 245 -17.41 4.52 -24.56
C HIS B 245 -16.04 4.87 -25.15
N LEU B 246 -16.00 5.85 -26.07
CA LEU B 246 -14.75 6.20 -26.72
C LEU B 246 -13.71 6.62 -25.67
N LEU B 247 -14.10 7.49 -24.73
CA LEU B 247 -13.18 7.96 -23.69
C LEU B 247 -12.73 6.78 -22.82
N GLY B 248 -13.67 5.90 -22.45
CA GLY B 248 -13.36 4.76 -21.58
C GLY B 248 -12.37 3.82 -22.28
N TRP B 249 -12.62 3.51 -23.56
CA TRP B 249 -11.73 2.65 -24.33
C TRP B 249 -10.32 3.28 -24.37
N ASN B 250 -10.26 4.58 -24.67
CA ASN B 250 -8.97 5.23 -24.79
C ASN B 250 -8.22 5.26 -23.45
N SER B 251 -8.94 5.51 -22.36
CA SER B 251 -8.34 5.61 -21.03
C SER B 251 -7.70 4.30 -20.61
N TYR B 252 -8.27 3.18 -21.06
CA TYR B 252 -7.76 1.86 -20.69
C TYR B 252 -6.42 1.58 -21.39
N GLN B 253 -6.16 2.18 -22.55
CA GLN B 253 -4.99 1.78 -23.34
C GLN B 253 -3.67 1.80 -22.53
N PRO B 254 -3.28 2.91 -21.85
CA PRO B 254 -2.01 2.89 -21.12
C PRO B 254 -2.00 1.81 -20.01
N LEU B 255 -3.17 1.44 -19.45
CA LEU B 255 -3.24 0.38 -18.46
C LEU B 255 -2.89 -0.98 -19.08
N HIS B 256 -3.45 -1.25 -20.26
CA HIS B 256 -3.09 -2.45 -21.02
C HIS B 256 -1.58 -2.45 -21.29
N GLU B 257 -1.05 -1.33 -21.79
N GLU B 257 -1.05 -1.33 -21.78
CA GLU B 257 0.34 -1.27 -22.14
CA GLU B 257 0.34 -1.26 -22.14
C GLU B 257 1.23 -1.42 -20.92
C GLU B 257 1.23 -1.42 -20.92
N ALA B 258 0.83 -0.82 -19.79
CA ALA B 258 1.67 -0.89 -18.59
C ALA B 258 1.74 -2.35 -18.09
N ALA B 259 0.58 -3.05 -18.12
CA ALA B 259 0.53 -4.47 -17.75
C ALA B 259 1.43 -5.31 -18.64
N LEU B 260 1.42 -5.04 -19.97
CA LEU B 260 2.34 -5.74 -20.87
C LEU B 260 3.78 -5.53 -20.48
N ALA B 261 4.15 -4.28 -20.18
CA ALA B 261 5.55 -3.98 -19.93
C ALA B 261 6.04 -4.74 -18.70
N ARG B 262 5.14 -5.06 -17.76
N ARG B 262 5.14 -5.06 -17.77
CA ARG B 262 5.50 -5.76 -16.54
CA ARG B 262 5.50 -5.76 -16.54
C ARG B 262 5.79 -7.24 -16.78
C ARG B 262 5.79 -7.24 -16.78
N ASP B 263 5.13 -7.87 -17.77
CA ASP B 263 5.41 -9.27 -18.09
C ASP B 263 5.85 -9.44 -19.53
N PRO B 264 7.18 -9.43 -19.83
CA PRO B 264 7.67 -9.69 -21.17
C PRO B 264 7.17 -11.01 -21.77
N ASP B 265 6.95 -12.03 -20.92
CA ASP B 265 6.51 -13.33 -21.39
C ASP B 265 5.10 -13.25 -21.98
N LEU B 266 4.17 -12.64 -21.24
CA LEU B 266 2.83 -12.42 -21.76
C LEU B 266 2.88 -11.50 -23.00
N ALA B 267 3.70 -10.45 -22.94
CA ALA B 267 3.83 -9.49 -24.03
C ALA B 267 4.17 -10.20 -25.34
N THR B 268 4.96 -11.29 -25.29
CA THR B 268 5.30 -12.00 -26.51
C THR B 268 4.10 -12.74 -27.11
N MET B 269 3.04 -12.98 -26.34
CA MET B 269 1.87 -13.69 -26.84
C MET B 269 0.90 -12.74 -27.56
N GLU B 270 1.24 -11.44 -27.68
CA GLU B 270 0.37 -10.45 -28.30
C GLU B 270 0.16 -10.86 -29.75
N PRO B 271 -1.10 -10.97 -30.26
CA PRO B 271 -1.30 -11.14 -31.69
C PRO B 271 -0.87 -9.90 -32.47
N ALA B 272 -0.39 -10.12 -33.70
CA ALA B 272 0.11 -9.15 -34.67
C ALA B 272 -0.16 -7.70 -34.24
N ALA C 11 -28.46 -26.24 -0.62
CA ALA C 11 -29.76 -26.42 -1.32
C ALA C 11 -29.56 -26.56 -2.83
N ASN C 12 -29.58 -25.43 -3.56
CA ASN C 12 -29.23 -25.34 -4.97
C ASN C 12 -27.75 -24.95 -5.11
N MET C 13 -26.95 -25.33 -4.10
CA MET C 13 -25.50 -25.28 -4.18
C MET C 13 -25.02 -26.23 -5.30
N PRO C 14 -23.83 -25.97 -5.89
CA PRO C 14 -23.30 -26.85 -6.94
C PRO C 14 -23.12 -28.30 -6.51
N GLY C 15 -23.12 -29.21 -7.49
CA GLY C 15 -23.01 -30.65 -7.32
C GLY C 15 -21.74 -31.10 -6.59
N ASP C 16 -21.64 -32.42 -6.39
CA ASP C 16 -20.59 -33.03 -5.59
C ASP C 16 -19.21 -32.75 -6.19
N ASP C 17 -19.09 -32.84 -7.51
CA ASP C 17 -17.80 -32.86 -8.17
C ASP C 17 -17.38 -31.44 -8.61
N TYR C 18 -18.05 -30.41 -8.12
CA TYR C 18 -17.83 -29.06 -8.65
C TYR C 18 -16.49 -28.51 -8.15
N PHE C 19 -16.24 -28.62 -6.85
CA PHE C 19 -15.04 -28.11 -6.22
C PHE C 19 -13.98 -29.19 -6.23
N ARG C 20 -12.72 -28.77 -6.20
CA ARG C 20 -11.62 -29.71 -6.05
C ARG C 20 -11.58 -30.15 -4.58
N GLN C 21 -11.07 -31.37 -4.36
CA GLN C 21 -11.04 -31.96 -3.03
C GLN C 21 -9.62 -31.88 -2.49
N PRO C 22 -9.42 -31.69 -1.16
CA PRO C 22 -8.09 -31.79 -0.59
C PRO C 22 -7.43 -33.11 -0.96
N PRO C 23 -6.09 -33.16 -1.18
CA PRO C 23 -5.45 -34.41 -1.56
C PRO C 23 -5.35 -35.40 -0.39
N VAL C 24 -5.26 -36.67 -0.74
CA VAL C 24 -5.00 -37.70 0.26
C VAL C 24 -3.69 -38.37 -0.15
N PHE C 25 -2.86 -38.73 0.84
CA PHE C 25 -1.57 -39.30 0.53
C PHE C 25 -1.48 -40.71 1.10
N ASP C 26 -0.70 -41.54 0.44
CA ASP C 26 -0.46 -42.89 0.85
C ASP C 26 0.37 -42.96 2.14
N THR C 27 1.49 -42.22 2.21
CA THR C 27 2.45 -42.39 3.30
C THR C 27 2.50 -41.11 4.13
N TYR C 28 2.93 -41.25 5.38
CA TYR C 28 3.12 -40.09 6.23
C TYR C 28 4.22 -39.20 5.64
N ALA C 29 5.28 -39.82 5.11
CA ALA C 29 6.37 -38.99 4.57
C ALA C 29 5.89 -38.15 3.41
N GLU C 30 5.02 -38.69 2.54
CA GLU C 30 4.52 -37.90 1.42
C GLU C 30 3.65 -36.75 1.93
N HIS C 31 2.79 -37.05 2.92
CA HIS C 31 1.91 -36.02 3.46
C HIS C 31 2.76 -34.92 4.11
N ARG C 32 3.79 -35.32 4.85
CA ARG C 32 4.64 -34.36 5.55
C ARG C 32 5.36 -33.44 4.57
N ALA C 33 5.92 -34.00 3.50
CA ALA C 33 6.64 -33.16 2.52
C ALA C 33 5.68 -32.13 1.91
N TYR C 34 4.45 -32.58 1.64
CA TYR C 34 3.45 -31.67 1.09
C TYR C 34 3.12 -30.54 2.06
N LEU C 35 2.90 -30.89 3.34
CA LEU C 35 2.57 -29.92 4.38
C LEU C 35 3.70 -28.93 4.58
N LYS C 36 4.96 -29.40 4.63
CA LYS C 36 6.06 -28.48 4.92
C LYS C 36 6.19 -27.47 3.77
N PHE C 37 5.99 -27.95 2.55
CA PHE C 37 6.06 -27.04 1.40
C PHE C 37 4.93 -26.00 1.47
N ARG C 38 3.70 -26.46 1.70
CA ARG C 38 2.56 -25.54 1.78
C ARG C 38 2.74 -24.55 2.94
N HIS C 39 3.33 -25.03 4.06
CA HIS C 39 3.63 -24.21 5.23
C HIS C 39 4.58 -23.07 4.86
N ALA C 40 5.68 -23.40 4.19
CA ALA C 40 6.61 -22.37 3.75
C ALA C 40 5.95 -21.39 2.77
N VAL C 41 5.22 -21.93 1.80
CA VAL C 41 4.56 -21.05 0.83
C VAL C 41 3.56 -20.11 1.53
N ALA C 42 2.82 -20.61 2.50
CA ALA C 42 1.85 -19.77 3.21
C ALA C 42 2.59 -18.60 3.87
N LEU C 43 3.75 -18.87 4.50
CA LEU C 43 4.53 -17.79 5.09
C LEU C 43 4.99 -16.78 4.05
N ARG C 44 5.37 -17.25 2.86
CA ARG C 44 5.71 -16.30 1.79
C ARG C 44 4.51 -15.45 1.36
N HIS C 45 3.33 -16.06 1.30
CA HIS C 45 2.09 -15.37 0.95
C HIS C 45 1.81 -14.27 1.99
N PHE C 46 1.97 -14.63 3.28
CA PHE C 46 1.71 -13.67 4.36
C PHE C 46 2.77 -12.58 4.40
N ALA C 47 4.03 -12.91 4.04
CA ALA C 47 5.06 -11.88 4.03
C ALA C 47 4.68 -10.83 3.00
N ARG C 48 4.22 -11.30 1.84
CA ARG C 48 3.92 -10.39 0.74
C ARG C 48 2.77 -9.44 1.13
N LEU C 49 1.84 -9.91 1.98
CA LEU C 49 0.76 -9.07 2.49
C LEU C 49 1.26 -8.12 3.58
N GLY C 50 2.53 -8.21 3.99
CA GLY C 50 3.07 -7.36 5.03
C GLY C 50 2.80 -7.87 6.46
N PHE C 51 2.45 -9.16 6.61
CA PHE C 51 2.17 -9.68 7.93
C PHE C 51 3.45 -10.25 8.58
N ASP C 52 4.60 -9.90 8.00
CA ASP C 52 5.93 -10.35 8.44
C ASP C 52 6.65 -9.22 9.21
N GLN C 53 5.96 -8.12 9.51
CA GLN C 53 6.63 -6.93 10.05
C GLN C 53 6.65 -6.91 11.58
N ASP C 54 6.07 -7.93 12.24
CA ASP C 54 5.63 -7.91 13.64
C ASP C 54 6.69 -8.50 14.57
N GLY C 55 7.94 -8.53 14.07
CA GLY C 55 9.10 -9.06 14.78
C GLY C 55 8.96 -10.57 14.93
N LEU C 56 8.81 -11.00 16.19
CA LEU C 56 8.83 -12.42 16.55
C LEU C 56 7.42 -12.94 16.81
N ALA C 57 6.40 -12.11 16.55
CA ALA C 57 5.04 -12.40 17.00
C ALA C 57 4.33 -13.50 16.18
N GLY C 58 4.72 -13.69 14.92
CA GLY C 58 3.84 -14.48 14.06
C GLY C 58 4.17 -15.95 14.11
N LEU C 59 3.12 -16.78 14.12
CA LEU C 59 3.30 -18.22 14.17
C LEU C 59 2.25 -18.93 13.31
N ILE C 60 2.73 -19.94 12.57
CA ILE C 60 1.86 -20.93 11.98
C ILE C 60 2.32 -22.31 12.46
N THR C 61 1.39 -23.08 13.05
CA THR C 61 1.65 -24.44 13.43
C THR C 61 0.82 -25.38 12.57
N VAL C 62 1.46 -26.50 12.18
CA VAL C 62 0.80 -27.55 11.39
C VAL C 62 1.09 -28.89 12.05
N ALA C 63 0.04 -29.64 12.39
CA ALA C 63 0.22 -30.91 13.09
C ALA C 63 1.01 -31.86 12.20
N ASP C 64 2.00 -32.55 12.76
CA ASP C 64 2.68 -33.59 12.02
C ASP C 64 1.68 -34.73 11.82
N PRO C 65 1.57 -35.34 10.62
CA PRO C 65 0.55 -36.38 10.43
C PRO C 65 0.86 -37.69 11.13
N GLU C 66 2.13 -37.91 11.49
CA GLU C 66 2.55 -39.20 12.01
C GLU C 66 2.81 -39.15 13.51
N HIS C 67 3.43 -38.05 13.96
CA HIS C 67 3.88 -37.93 15.33
C HIS C 67 2.86 -37.12 16.11
N ALA C 68 2.02 -37.84 16.87
CA ALA C 68 0.91 -37.22 17.58
C ALA C 68 1.42 -36.15 18.55
N ASP C 69 0.69 -35.03 18.56
CA ASP C 69 0.93 -33.98 19.54
C ASP C 69 2.31 -33.34 19.35
N THR C 70 2.78 -33.36 18.09
CA THR C 70 3.91 -32.52 17.70
C THR C 70 3.55 -31.72 16.46
N TYR C 71 4.18 -30.53 16.31
CA TYR C 71 3.70 -29.53 15.37
C TYR C 71 4.87 -28.91 14.64
N TRP C 72 4.77 -28.78 13.31
CA TRP C 72 5.74 -27.99 12.56
C TRP C 72 5.46 -26.52 12.84
N ALA C 73 6.53 -25.71 12.94
CA ALA C 73 6.38 -24.30 13.21
C ALA C 73 7.49 -23.55 12.49
N ASN C 74 7.22 -22.27 12.21
CA ASN C 74 8.30 -21.40 11.78
C ASN C 74 9.14 -21.07 13.02
N PRO C 75 10.49 -21.10 12.89
CA PRO C 75 11.36 -20.87 14.04
C PRO C 75 11.42 -19.40 14.43
N LEU C 76 11.70 -19.15 15.71
CA LEU C 76 11.80 -17.79 16.20
C LEU C 76 12.79 -16.99 15.36
N ALA C 77 12.32 -15.84 14.88
CA ALA C 77 13.15 -14.81 14.28
C ALA C 77 13.54 -15.08 12.82
N HIS C 78 13.08 -16.18 12.22
CA HIS C 78 13.40 -16.39 10.81
C HIS C 78 12.44 -15.54 9.97
N PRO C 79 12.90 -14.64 9.07
CA PRO C 79 11.96 -13.81 8.32
C PRO C 79 11.04 -14.64 7.43
N PHE C 80 9.74 -14.34 7.39
CA PHE C 80 8.81 -15.16 6.61
C PHE C 80 9.20 -15.14 5.13
N SER C 81 9.75 -14.01 4.67
CA SER C 81 10.07 -13.82 3.26
C SER C 81 11.13 -14.79 2.73
N THR C 82 11.94 -15.43 3.60
CA THR C 82 13.04 -16.27 3.11
C THR C 82 12.85 -17.71 3.56
N ILE C 83 11.79 -18.00 4.31
CA ILE C 83 11.72 -19.30 4.96
C ILE C 83 11.49 -20.41 3.92
N THR C 84 12.15 -21.57 4.15
CA THR C 84 11.99 -22.72 3.29
C THR C 84 11.54 -23.90 4.13
N PRO C 85 11.03 -24.99 3.54
CA PRO C 85 10.66 -26.18 4.32
C PRO C 85 11.74 -26.64 5.33
N ALA C 86 13.02 -26.56 4.91
CA ALA C 86 14.12 -27.05 5.74
C ALA C 86 14.30 -26.20 7.00
N ASP C 87 13.77 -24.98 7.01
CA ASP C 87 13.86 -24.11 8.17
C ASP C 87 12.82 -24.45 9.24
N LEU C 88 11.73 -25.13 8.86
CA LEU C 88 10.66 -25.42 9.80
C LEU C 88 11.18 -26.34 10.92
N ILE C 89 10.64 -26.15 12.13
CA ILE C 89 11.07 -26.99 13.26
C ILE C 89 9.85 -27.77 13.72
N ARG C 90 10.06 -28.96 14.29
CA ARG C 90 8.95 -29.72 14.85
C ARG C 90 9.02 -29.61 16.37
N VAL C 91 7.90 -29.28 16.99
CA VAL C 91 7.86 -28.88 18.38
C VAL C 91 6.90 -29.81 19.12
N ASP C 92 7.32 -30.30 20.30
CA ASP C 92 6.45 -31.10 21.16
C ASP C 92 5.35 -30.23 21.78
N GLY C 93 4.10 -30.69 21.68
CA GLY C 93 2.95 -29.93 22.16
C GLY C 93 3.05 -29.58 23.64
N ASP C 94 3.40 -30.56 24.49
CA ASP C 94 3.37 -30.38 25.94
C ASP C 94 4.53 -29.54 26.46
N SER C 95 5.75 -29.78 25.96
CA SER C 95 6.96 -29.20 26.54
C SER C 95 7.40 -27.95 25.77
N ALA C 96 6.86 -27.75 24.56
CA ALA C 96 7.28 -26.70 23.63
C ALA C 96 8.75 -26.86 23.24
N GLU C 97 9.31 -28.06 23.46
CA GLU C 97 10.68 -28.31 23.05
C GLU C 97 10.72 -28.69 21.58
N THR C 98 11.76 -28.24 20.89
CA THR C 98 12.04 -28.59 19.50
C THR C 98 12.54 -30.04 19.45
N VAL C 99 11.80 -30.92 18.77
CA VAL C 99 12.19 -32.32 18.69
C VAL C 99 12.83 -32.62 17.33
N GLU C 100 12.70 -31.70 16.37
CA GLU C 100 13.37 -31.84 15.09
C GLU C 100 13.76 -30.43 14.62
N GLY C 101 15.05 -30.22 14.34
CA GLY C 101 15.58 -28.90 14.06
C GLY C 101 16.37 -28.39 15.25
N GLN C 102 16.98 -27.20 15.13
CA GLN C 102 17.89 -26.76 16.18
C GLN C 102 17.30 -25.57 16.94
N ARG C 103 16.55 -24.74 16.22
CA ARG C 103 16.06 -23.47 16.73
C ARG C 103 14.80 -23.69 17.56
N ARG C 104 14.45 -22.69 18.36
CA ARG C 104 13.27 -22.69 19.23
C ARG C 104 12.10 -21.98 18.56
N VAL C 105 10.88 -22.35 19.00
CA VAL C 105 9.67 -21.64 18.62
C VAL C 105 9.48 -20.49 19.60
N ASN C 106 8.65 -19.52 19.20
CA ASN C 106 8.10 -18.52 20.10
C ASN C 106 7.22 -19.25 21.13
N ILE C 107 7.70 -19.35 22.38
CA ILE C 107 7.04 -20.23 23.33
C ILE C 107 5.68 -19.66 23.77
N ALA C 108 5.55 -18.33 23.84
CA ALA C 108 4.29 -17.70 24.24
C ALA C 108 3.20 -17.96 23.20
N ALA C 109 3.51 -17.66 21.93
CA ALA C 109 2.55 -17.93 20.89
C ALA C 109 2.27 -19.43 20.82
N PHE C 110 3.33 -20.26 20.98
CA PHE C 110 3.18 -21.69 20.84
C PHE C 110 2.24 -22.27 21.90
N ASN C 111 2.25 -21.69 23.12
CA ASN C 111 1.39 -22.14 24.20
C ASN C 111 -0.07 -22.01 23.80
N ILE C 112 -0.43 -20.89 23.16
CA ILE C 112 -1.78 -20.68 22.65
C ILE C 112 -2.10 -21.74 21.59
N HIS C 113 -1.20 -21.91 20.61
CA HIS C 113 -1.45 -22.86 19.53
C HIS C 113 -1.61 -24.28 20.07
N ALA C 114 -0.70 -24.73 20.93
CA ALA C 114 -0.72 -26.11 21.40
C ALA C 114 -2.04 -26.40 22.14
N GLU C 115 -2.52 -25.42 22.93
CA GLU C 115 -3.77 -25.62 23.66
C GLU C 115 -4.97 -25.67 22.69
N ILE C 116 -4.93 -24.85 21.63
CA ILE C 116 -5.97 -24.91 20.61
C ILE C 116 -5.92 -26.27 19.90
N HIS C 117 -4.72 -26.70 19.47
CA HIS C 117 -4.57 -28.01 18.85
C HIS C 117 -5.13 -29.13 19.74
N ARG C 118 -4.84 -29.06 21.05
CA ARG C 118 -5.26 -30.10 21.98
C ARG C 118 -6.79 -30.11 22.07
N ALA C 119 -7.40 -28.93 22.07
CA ALA C 119 -8.84 -28.79 22.24
C ALA C 119 -9.58 -29.10 20.93
N ARG C 120 -8.86 -29.11 19.80
CA ARG C 120 -9.47 -29.19 18.47
C ARG C 120 -8.79 -30.27 17.64
N PRO C 121 -9.09 -31.57 17.87
CA PRO C 121 -8.48 -32.64 17.10
C PRO C 121 -8.75 -32.57 15.60
N ASP C 122 -9.82 -31.86 15.21
CA ASP C 122 -10.19 -31.66 13.81
C ASP C 122 -9.25 -30.66 13.12
N VAL C 123 -8.47 -29.88 13.89
CA VAL C 123 -7.70 -28.77 13.31
C VAL C 123 -6.29 -29.27 12.95
N GLN C 124 -5.86 -29.04 11.72
CA GLN C 124 -4.50 -29.34 11.31
C GLN C 124 -3.59 -28.13 11.52
N ALA C 125 -4.12 -26.89 11.42
CA ALA C 125 -3.26 -25.72 11.40
C ALA C 125 -3.88 -24.58 12.22
N VAL C 126 -3.00 -23.84 12.93
CA VAL C 126 -3.40 -22.65 13.68
C VAL C 126 -2.51 -21.51 13.22
N ILE C 127 -3.11 -20.33 12.97
CA ILE C 127 -2.38 -19.19 12.44
C ILE C 127 -2.65 -17.98 13.32
N HIS C 128 -1.56 -17.36 13.77
CA HIS C 128 -1.69 -16.13 14.55
C HIS C 128 -0.56 -15.19 14.10
N LEU C 129 -0.96 -14.11 13.41
CA LEU C 129 -0.01 -13.11 12.91
C LEU C 129 -0.47 -11.75 13.39
N HIS C 130 0.47 -10.85 13.65
CA HIS C 130 0.05 -9.55 14.15
C HIS C 130 -0.07 -8.66 12.92
N THR C 131 -1.24 -8.06 12.68
CA THR C 131 -1.45 -7.31 11.45
C THR C 131 -2.02 -5.95 11.85
N VAL C 132 -1.98 -5.00 10.92
CA VAL C 132 -2.52 -3.68 11.23
C VAL C 132 -4.04 -3.75 11.39
N TYR C 133 -4.79 -4.28 10.39
CA TYR C 133 -6.25 -4.17 10.45
C TYR C 133 -6.79 -5.07 11.57
N GLY C 134 -6.17 -6.24 11.71
CA GLY C 134 -6.53 -7.17 12.77
C GLY C 134 -6.31 -6.58 14.17
N ARG C 135 -5.15 -5.96 14.39
CA ARG C 135 -4.85 -5.32 15.66
C ARG C 135 -5.89 -4.21 15.92
N ALA C 136 -6.10 -3.35 14.91
CA ALA C 136 -7.01 -2.22 15.09
C ALA C 136 -8.44 -2.70 15.44
N PHE C 137 -8.95 -3.67 14.69
CA PHE C 137 -10.31 -4.14 14.91
C PHE C 137 -10.41 -4.83 16.27
N SER C 138 -9.36 -5.58 16.64
CA SER C 138 -9.34 -6.31 17.92
C SER C 138 -9.43 -5.35 19.11
N ALA C 139 -9.06 -4.08 18.92
CA ALA C 139 -9.10 -3.12 20.03
C ALA C 139 -10.55 -2.82 20.45
N PHE C 140 -11.54 -3.21 19.64
CA PHE C 140 -12.93 -2.92 19.96
C PHE C 140 -13.59 -4.06 20.76
N ALA C 141 -12.95 -5.22 20.86
CA ALA C 141 -13.50 -6.33 21.64
C ALA C 141 -14.91 -6.63 21.14
N ARG C 142 -15.07 -6.72 19.81
CA ARG C 142 -16.39 -6.79 19.21
C ARG C 142 -16.35 -7.87 18.13
N LYS C 143 -17.44 -8.64 18.01
CA LYS C 143 -17.52 -9.61 16.91
C LYS C 143 -17.51 -8.87 15.56
N LEU C 144 -16.91 -9.52 14.55
CA LEU C 144 -16.90 -9.01 13.20
C LEU C 144 -18.33 -9.09 12.64
N PRO C 145 -18.99 -7.95 12.34
CA PRO C 145 -20.36 -7.99 11.84
C PRO C 145 -20.41 -8.60 10.44
N PRO C 146 -21.59 -9.14 10.00
CA PRO C 146 -21.73 -9.58 8.61
C PRO C 146 -22.01 -8.41 7.68
N LEU C 147 -20.98 -7.57 7.50
CA LEU C 147 -21.17 -6.32 6.77
C LEU C 147 -21.35 -6.57 5.28
N THR C 148 -20.63 -7.54 4.71
CA THR C 148 -20.71 -7.84 3.29
C THR C 148 -20.72 -9.36 3.19
N GLN C 149 -21.02 -9.84 1.99
CA GLN C 149 -21.02 -11.28 1.73
C GLN C 149 -19.72 -11.93 2.23
N ASP C 150 -18.57 -11.25 1.99
CA ASP C 150 -17.29 -11.86 2.33
C ASP C 150 -17.04 -12.03 3.83
N ALA C 151 -17.75 -11.29 4.67
CA ALA C 151 -17.63 -11.37 6.11
C ALA C 151 -18.53 -12.49 6.67
N CYS C 152 -19.45 -12.99 5.83
CA CYS C 152 -20.44 -13.96 6.32
C CYS C 152 -19.83 -15.30 6.74
N PRO C 153 -18.70 -15.81 6.17
CA PRO C 153 -18.09 -17.02 6.69
C PRO C 153 -17.77 -16.98 8.18
N PHE C 154 -17.68 -15.78 8.78
CA PHE C 154 -17.39 -15.66 10.21
C PHE C 154 -18.67 -15.50 11.05
N PHE C 155 -19.81 -15.33 10.38
CA PHE C 155 -21.03 -15.06 11.11
C PHE C 155 -21.42 -16.29 11.94
N GLU C 156 -21.64 -16.09 13.25
CA GLU C 156 -21.91 -17.16 14.20
C GLU C 156 -20.85 -18.26 14.12
N ASP C 157 -19.64 -17.91 13.70
CA ASP C 157 -18.56 -18.88 13.69
C ASP C 157 -17.23 -18.25 14.09
N HIS C 158 -17.26 -17.28 15.00
CA HIS C 158 -16.01 -16.80 15.58
C HIS C 158 -16.30 -16.21 16.95
N GLU C 159 -15.24 -16.07 17.76
CA GLU C 159 -15.44 -15.51 19.09
C GLU C 159 -14.48 -14.34 19.32
N VAL C 160 -14.72 -13.61 20.40
CA VAL C 160 -13.83 -12.61 20.95
C VAL C 160 -13.30 -13.15 22.27
N PHE C 161 -11.96 -13.19 22.42
CA PHE C 161 -11.40 -13.50 23.72
C PHE C 161 -11.36 -12.20 24.50
N ASP C 162 -12.15 -12.13 25.56
CA ASP C 162 -12.44 -10.87 26.22
C ASP C 162 -11.63 -10.72 27.49
N ASP C 163 -10.36 -11.13 27.42
CA ASP C 163 -9.37 -10.86 28.46
C ASP C 163 -8.03 -10.52 27.78
N PHE C 164 -7.19 -9.79 28.50
CA PHE C 164 -5.86 -9.47 27.98
C PHE C 164 -4.95 -9.44 29.19
N THR C 165 -4.05 -10.41 29.29
CA THR C 165 -3.24 -10.55 30.50
C THR C 165 -1.74 -10.51 30.20
N GLY C 166 -1.38 -10.00 29.01
CA GLY C 166 0.02 -9.95 28.61
C GLY C 166 0.38 -11.19 27.80
N LEU C 167 1.68 -11.47 27.70
CA LEU C 167 2.18 -12.62 26.98
C LEU C 167 1.62 -13.89 27.64
N VAL C 168 1.30 -14.89 26.81
CA VAL C 168 0.79 -16.15 27.30
C VAL C 168 1.96 -17.06 27.65
N LEU C 169 2.46 -16.90 28.89
CA LEU C 169 3.63 -17.63 29.35
C LEU C 169 3.21 -18.82 30.21
N ALA C 170 1.92 -18.86 30.60
CA ALA C 170 1.31 -19.97 31.31
C ALA C 170 0.28 -20.66 30.41
N LYS C 171 0.41 -21.99 30.30
CA LYS C 171 -0.46 -22.82 29.48
C LYS C 171 -1.93 -22.54 29.79
N ASP C 172 -2.23 -22.06 31.01
CA ASP C 172 -3.61 -21.81 31.43
C ASP C 172 -4.29 -20.74 30.57
N ASP C 173 -3.52 -19.74 30.13
CA ASP C 173 -3.96 -18.69 29.24
C ASP C 173 -4.32 -19.26 27.87
N GLY C 174 -3.46 -20.16 27.38
CA GLY C 174 -3.74 -20.87 26.15
C GLY C 174 -5.03 -21.69 26.28
N ARG C 175 -5.18 -22.39 27.42
CA ARG C 175 -6.38 -23.17 27.69
C ARG C 175 -7.64 -22.30 27.61
N ARG C 176 -7.60 -21.10 28.22
CA ARG C 176 -8.76 -20.21 28.24
C ARG C 176 -9.12 -19.75 26.83
N ILE C 177 -8.12 -19.47 25.99
CA ILE C 177 -8.36 -19.04 24.62
C ILE C 177 -9.03 -20.18 23.85
N ALA C 178 -8.47 -21.40 24.00
CA ALA C 178 -8.99 -22.56 23.30
C ALA C 178 -10.44 -22.82 23.75
N LYS C 179 -10.71 -22.66 25.05
CA LYS C 179 -12.08 -22.85 25.52
C LYS C 179 -13.04 -21.85 24.88
N GLN C 180 -12.64 -20.59 24.75
CA GLN C 180 -13.52 -19.57 24.19
C GLN C 180 -13.71 -19.80 22.69
N LEU C 181 -12.70 -20.34 22.01
CA LEU C 181 -12.78 -20.59 20.58
C LEU C 181 -13.88 -21.61 20.27
N ARG C 182 -14.07 -22.58 21.16
CA ARG C 182 -15.02 -23.69 20.95
C ARG C 182 -14.76 -24.31 19.57
N GLY C 183 -15.83 -24.51 18.79
CA GLY C 183 -15.71 -25.17 17.49
C GLY C 183 -15.57 -24.17 16.33
N HIS C 184 -15.28 -22.90 16.62
CA HIS C 184 -15.30 -21.84 15.60
C HIS C 184 -14.03 -21.82 14.76
N LYS C 185 -14.06 -21.06 13.66
CA LYS C 185 -12.95 -21.00 12.71
C LYS C 185 -11.97 -19.88 13.12
N ALA C 186 -12.39 -18.97 14.02
CA ALA C 186 -11.50 -17.85 14.33
C ALA C 186 -11.79 -17.30 15.73
N ILE C 187 -10.77 -16.68 16.34
CA ILE C 187 -11.01 -15.95 17.59
C ILE C 187 -10.23 -14.64 17.55
N LEU C 188 -10.87 -13.55 17.99
CA LEU C 188 -10.23 -12.23 18.05
C LEU C 188 -9.68 -12.05 19.46
N LEU C 189 -8.35 -11.95 19.59
CA LEU C 189 -7.78 -11.69 20.89
C LEU C 189 -7.83 -10.18 21.12
N LYS C 190 -8.65 -9.74 22.06
CA LYS C 190 -8.86 -8.30 22.18
C LYS C 190 -7.55 -7.59 22.48
N ASN C 191 -7.38 -6.41 21.88
CA ASN C 191 -6.20 -5.58 22.09
C ASN C 191 -4.94 -6.39 21.77
N HIS C 192 -5.01 -7.24 20.74
CA HIS C 192 -3.90 -8.13 20.45
C HIS C 192 -3.89 -8.46 18.95
N GLY C 193 -4.81 -9.30 18.49
CA GLY C 193 -4.87 -9.61 17.05
C GLY C 193 -5.69 -10.85 16.73
N LEU C 194 -5.53 -11.38 15.52
CA LEU C 194 -6.39 -12.44 15.00
C LEU C 194 -5.74 -13.83 15.18
N VAL C 195 -6.59 -14.84 15.38
CA VAL C 195 -6.20 -16.24 15.29
C VAL C 195 -7.21 -16.96 14.39
N THR C 196 -6.73 -17.75 13.42
CA THR C 196 -7.63 -18.62 12.70
C THR C 196 -7.14 -20.07 12.79
N VAL C 197 -8.06 -21.00 12.52
CA VAL C 197 -7.75 -22.41 12.55
C VAL C 197 -8.32 -23.04 11.27
N GLY C 198 -7.91 -24.26 10.98
CA GLY C 198 -8.53 -24.95 9.86
C GLY C 198 -8.23 -26.45 9.92
N GLU C 199 -9.12 -27.22 9.29
CA GLU C 199 -8.93 -28.65 9.10
C GLU C 199 -7.75 -28.90 8.15
N THR C 200 -7.36 -27.88 7.37
CA THR C 200 -6.14 -27.93 6.58
C THR C 200 -5.45 -26.59 6.78
N LEU C 201 -4.13 -26.60 6.57
CA LEU C 201 -3.39 -25.35 6.51
C LEU C 201 -4.05 -24.40 5.49
N ASP C 202 -4.44 -24.94 4.34
CA ASP C 202 -4.97 -24.10 3.27
C ASP C 202 -6.19 -23.32 3.77
N ALA C 203 -7.16 -24.02 4.36
CA ALA C 203 -8.37 -23.37 4.84
C ALA C 203 -8.02 -22.35 5.93
N ALA C 204 -7.14 -22.74 6.87
CA ALA C 204 -6.73 -21.80 7.92
C ALA C 204 -6.15 -20.52 7.31
N ALA C 205 -5.30 -20.67 6.28
CA ALA C 205 -4.62 -19.51 5.70
C ALA C 205 -5.62 -18.64 4.93
N TRP C 206 -6.60 -19.28 4.25
CA TRP C 206 -7.68 -18.52 3.63
C TRP C 206 -8.47 -17.76 4.70
N TRP C 207 -8.88 -18.42 5.79
CA TRP C 207 -9.67 -17.69 6.79
C TRP C 207 -8.87 -16.49 7.33
N PHE C 208 -7.56 -16.65 7.54
CA PHE C 208 -6.74 -15.56 8.06
C PHE C 208 -6.72 -14.38 7.08
N THR C 209 -6.42 -14.69 5.80
CA THR C 209 -6.36 -13.70 4.74
C THR C 209 -7.70 -12.95 4.69
N LEU C 210 -8.81 -13.72 4.63
CA LEU C 210 -10.13 -13.14 4.49
C LEU C 210 -10.48 -12.31 5.73
N LEU C 211 -10.17 -12.84 6.94
CA LEU C 211 -10.49 -12.13 8.17
C LEU C 211 -9.81 -10.77 8.22
N ASP C 212 -8.54 -10.70 7.81
CA ASP C 212 -7.84 -9.41 7.85
C ASP C 212 -8.50 -8.40 6.89
N THR C 213 -8.83 -8.85 5.68
CA THR C 213 -9.48 -7.99 4.70
C THR C 213 -10.84 -7.53 5.25
N CYS C 214 -11.58 -8.44 5.90
CA CYS C 214 -12.88 -8.05 6.47
C CYS C 214 -12.71 -6.99 7.56
N CYS C 215 -11.66 -7.13 8.40
CA CYS C 215 -11.37 -6.13 9.42
C CYS C 215 -11.08 -4.79 8.75
N HIS C 216 -10.30 -4.83 7.66
CA HIS C 216 -10.01 -3.60 6.92
C HIS C 216 -11.31 -2.91 6.48
N VAL C 217 -12.18 -3.66 5.80
CA VAL C 217 -13.44 -3.16 5.26
C VAL C 217 -14.31 -2.60 6.39
N GLN C 218 -14.39 -3.31 7.52
CA GLN C 218 -15.28 -2.90 8.59
C GLN C 218 -14.77 -1.58 9.16
N LEU C 219 -13.45 -1.48 9.39
CA LEU C 219 -12.86 -0.26 9.95
C LEU C 219 -13.12 0.93 9.03
N LEU C 220 -12.88 0.74 7.73
CA LEU C 220 -13.07 1.86 6.80
C LEU C 220 -14.55 2.27 6.74
N ALA C 221 -15.43 1.29 6.65
CA ALA C 221 -16.86 1.61 6.56
C ALA C 221 -17.33 2.34 7.83
N ASP C 222 -16.91 1.86 9.02
CA ASP C 222 -17.25 2.54 10.27
C ASP C 222 -16.69 3.96 10.34
N ALA C 223 -15.46 4.14 9.83
CA ALA C 223 -14.88 5.49 9.80
C ALA C 223 -15.66 6.41 8.86
N ALA C 224 -16.12 5.85 7.73
CA ALA C 224 -16.71 6.66 6.67
C ALA C 224 -18.15 7.04 7.00
N GLY C 225 -18.87 6.24 7.80
CA GLY C 225 -20.25 6.57 8.11
C GLY C 225 -20.87 5.50 9.00
N LYS C 226 -22.16 5.20 8.76
CA LYS C 226 -22.90 4.23 9.54
C LYS C 226 -23.45 3.18 8.58
N PRO C 227 -22.66 2.14 8.22
CA PRO C 227 -23.12 1.19 7.20
C PRO C 227 -24.18 0.24 7.76
N GLU C 228 -24.95 -0.40 6.88
CA GLU C 228 -25.94 -1.37 7.33
C GLU C 228 -25.40 -2.78 7.08
N GLU C 229 -25.58 -3.67 8.06
CA GLU C 229 -25.12 -5.04 7.92
C GLU C 229 -26.20 -5.91 7.26
N ILE C 230 -25.77 -7.08 6.79
CA ILE C 230 -26.71 -8.06 6.28
C ILE C 230 -27.57 -8.58 7.43
N PRO C 231 -28.91 -8.69 7.29
CA PRO C 231 -29.72 -9.32 8.34
C PRO C 231 -29.29 -10.75 8.68
N ALA C 232 -29.48 -11.15 9.95
CA ALA C 232 -28.99 -12.41 10.46
C ALA C 232 -29.36 -13.60 9.58
N GLU C 233 -30.61 -13.66 9.11
CA GLU C 233 -31.09 -14.84 8.41
C GLU C 233 -30.35 -15.03 7.09
N VAL C 234 -30.14 -13.92 6.38
CA VAL C 234 -29.36 -13.96 5.14
C VAL C 234 -27.89 -14.21 5.45
N ALA C 235 -27.37 -13.57 6.51
CA ALA C 235 -25.96 -13.74 6.85
C ALA C 235 -25.66 -15.21 7.13
N ARG C 236 -26.59 -15.87 7.84
CA ARG C 236 -26.40 -17.25 8.23
C ARG C 236 -26.39 -18.16 7.00
N LEU C 237 -27.33 -17.89 6.07
CA LEU C 237 -27.40 -18.66 4.82
C LEU C 237 -26.11 -18.48 4.03
N THR C 238 -25.68 -17.22 3.87
CA THR C 238 -24.48 -16.89 3.10
C THR C 238 -23.27 -17.53 3.76
N GLY C 239 -23.21 -17.44 5.10
CA GLY C 239 -22.11 -18.06 5.86
C GLY C 239 -22.02 -19.57 5.62
N ARG C 240 -23.17 -20.23 5.50
CA ARG C 240 -23.16 -21.67 5.22
C ARG C 240 -22.64 -21.91 3.80
N GLN C 241 -23.04 -21.07 2.86
CA GLN C 241 -22.60 -21.17 1.47
C GLN C 241 -21.09 -21.00 1.35
N LEU C 242 -20.50 -20.05 2.10
CA LEU C 242 -19.12 -19.66 1.84
C LEU C 242 -18.18 -20.04 2.97
N GLY C 243 -18.70 -20.62 4.07
CA GLY C 243 -17.88 -20.77 5.28
C GLY C 243 -17.44 -22.22 5.57
N SER C 244 -17.72 -23.14 4.67
CA SER C 244 -17.38 -24.55 4.85
C SER C 244 -15.86 -24.75 4.61
N HIS C 245 -15.34 -25.87 5.12
CA HIS C 245 -13.94 -26.21 4.90
C HIS C 245 -13.65 -26.32 3.41
N LEU C 246 -14.55 -26.98 2.67
CA LEU C 246 -14.33 -27.19 1.25
C LEU C 246 -14.15 -25.83 0.53
N LEU C 247 -14.99 -24.85 0.84
CA LEU C 247 -14.88 -23.55 0.19
C LEU C 247 -13.59 -22.85 0.61
N GLY C 248 -13.23 -22.95 1.90
CA GLY C 248 -12.01 -22.32 2.40
C GLY C 248 -10.78 -22.90 1.71
N TRP C 249 -10.72 -24.25 1.66
CA TRP C 249 -9.62 -24.93 0.99
C TRP C 249 -9.53 -24.48 -0.48
N ASN C 250 -10.66 -24.46 -1.18
CA ASN C 250 -10.65 -24.11 -2.60
C ASN C 250 -10.22 -22.66 -2.81
N SER C 251 -10.71 -21.75 -1.96
CA SER C 251 -10.40 -20.33 -2.06
C SER C 251 -8.90 -20.07 -1.91
N TYR C 252 -8.21 -20.88 -1.10
CA TYR C 252 -6.79 -20.69 -0.84
C TYR C 252 -5.94 -21.05 -2.05
N GLN C 253 -6.45 -21.95 -2.91
CA GLN C 253 -5.59 -22.49 -3.97
C GLN C 253 -4.95 -21.40 -4.85
N PRO C 254 -5.68 -20.42 -5.44
CA PRO C 254 -5.03 -19.41 -6.26
C PRO C 254 -3.97 -18.61 -5.48
N LEU C 255 -4.13 -18.47 -4.15
CA LEU C 255 -3.14 -17.76 -3.32
C LEU C 255 -1.85 -18.54 -3.26
N HIS C 256 -1.95 -19.86 -3.03
CA HIS C 256 -0.79 -20.72 -3.07
C HIS C 256 -0.10 -20.62 -4.42
N GLU C 257 -0.89 -20.76 -5.50
CA GLU C 257 -0.34 -20.76 -6.83
C GLU C 257 0.31 -19.43 -7.15
N ALA C 258 -0.32 -18.33 -6.73
CA ALA C 258 0.24 -17.00 -7.07
C ALA C 258 1.58 -16.82 -6.34
N ALA C 259 1.67 -17.25 -5.07
CA ALA C 259 2.92 -17.17 -4.31
C ALA C 259 4.03 -17.98 -5.00
N LEU C 260 3.70 -19.16 -5.53
CA LEU C 260 4.68 -19.94 -6.29
C LEU C 260 5.21 -19.18 -7.48
N ALA C 261 4.29 -18.57 -8.24
CA ALA C 261 4.68 -17.94 -9.47
C ALA C 261 5.65 -16.77 -9.17
N ARG C 262 5.52 -16.17 -7.99
N ARG C 262 5.51 -16.16 -7.99
CA ARG C 262 6.31 -15.00 -7.63
CA ARG C 262 6.31 -15.00 -7.62
C ARG C 262 7.75 -15.38 -7.27
C ARG C 262 7.74 -15.39 -7.26
N ASP C 263 7.96 -16.59 -6.72
CA ASP C 263 9.31 -17.03 -6.37
C ASP C 263 9.65 -18.32 -7.08
N PRO C 264 10.28 -18.28 -8.27
CA PRO C 264 10.72 -19.49 -8.95
C PRO C 264 11.58 -20.40 -8.09
N ASP C 265 12.37 -19.81 -7.17
CA ASP C 265 13.27 -20.59 -6.31
C ASP C 265 12.47 -21.48 -5.36
N LEU C 266 11.50 -20.90 -4.67
CA LEU C 266 10.64 -21.69 -3.80
C LEU C 266 9.84 -22.70 -4.62
N ALA C 267 9.33 -22.27 -5.78
CA ALA C 267 8.52 -23.11 -6.66
C ALA C 267 9.26 -24.40 -6.99
N THR C 268 10.58 -24.33 -7.15
CA THR C 268 11.32 -25.53 -7.52
C THR C 268 11.38 -26.54 -6.37
N MET C 269 11.11 -26.12 -5.12
CA MET C 269 11.18 -27.03 -3.99
C MET C 269 9.87 -27.82 -3.81
N GLU C 270 8.90 -27.65 -4.73
CA GLU C 270 7.61 -28.31 -4.65
C GLU C 270 7.85 -29.80 -4.74
N PRO C 271 7.32 -30.63 -3.80
CA PRO C 271 7.59 -32.06 -3.83
C PRO C 271 6.90 -32.74 -4.98
N ALA C 272 7.56 -33.78 -5.50
CA ALA C 272 7.17 -34.51 -6.70
C ALA C 272 5.69 -34.93 -6.61
N ASP D 17 19.86 -17.93 27.05
CA ASP D 17 19.95 -19.08 26.12
C ASP D 17 18.91 -18.93 25.01
N TYR D 18 17.72 -18.46 25.39
CA TYR D 18 16.59 -18.50 24.48
C TYR D 18 16.71 -17.41 23.42
N PHE D 19 17.00 -16.18 23.85
CA PHE D 19 17.18 -15.06 22.95
C PHE D 19 18.66 -14.98 22.57
N ARG D 20 18.96 -14.46 21.38
CA ARG D 20 20.34 -14.16 21.05
C ARG D 20 20.74 -12.85 21.75
N GLN D 21 22.05 -12.70 21.93
CA GLN D 21 22.65 -11.54 22.57
C GLN D 21 23.32 -10.69 21.51
N PRO D 22 23.35 -9.34 21.65
CA PRO D 22 24.19 -8.52 20.78
C PRO D 22 25.64 -9.00 20.81
N PRO D 23 26.40 -8.88 19.70
CA PRO D 23 27.78 -9.36 19.66
C PRO D 23 28.73 -8.47 20.46
N VAL D 24 29.87 -9.06 20.83
CA VAL D 24 30.92 -8.29 21.48
C VAL D 24 32.14 -8.37 20.56
N PHE D 25 32.91 -7.28 20.47
CA PHE D 25 34.02 -7.22 19.53
C PHE D 25 35.34 -7.04 20.24
N ASP D 26 36.40 -7.56 19.62
CA ASP D 26 37.73 -7.50 20.20
C ASP D 26 38.41 -6.19 19.85
N THR D 27 38.04 -5.57 18.72
CA THR D 27 38.74 -4.38 18.26
C THR D 27 37.70 -3.33 17.92
N TYR D 28 38.11 -2.07 18.05
CA TYR D 28 37.25 -0.99 17.62
C TYR D 28 36.97 -1.07 16.12
N ALA D 29 38.00 -1.46 15.35
CA ALA D 29 37.83 -1.54 13.90
C ALA D 29 36.75 -2.56 13.54
N GLU D 30 36.74 -3.71 14.21
CA GLU D 30 35.74 -4.73 13.90
C GLU D 30 34.35 -4.25 14.30
N HIS D 31 34.26 -3.59 15.46
CA HIS D 31 32.99 -3.07 15.92
C HIS D 31 32.44 -2.05 14.92
N ARG D 32 33.33 -1.14 14.50
CA ARG D 32 32.95 -0.07 13.60
C ARG D 32 32.44 -0.63 12.26
N ALA D 33 33.14 -1.62 11.70
CA ALA D 33 32.73 -2.17 10.41
C ALA D 33 31.36 -2.83 10.53
N TYR D 34 31.11 -3.50 11.65
CA TYR D 34 29.82 -4.12 11.91
C TYR D 34 28.72 -3.06 11.99
N LEU D 35 28.98 -1.98 12.75
CA LEU D 35 28.00 -0.91 12.90
C LEU D 35 27.68 -0.24 11.57
N LYS D 36 28.70 0.08 10.77
CA LYS D 36 28.44 0.77 9.50
C LYS D 36 27.61 -0.13 8.58
N PHE D 37 27.89 -1.43 8.58
CA PHE D 37 27.11 -2.33 7.73
C PHE D 37 25.66 -2.37 8.20
N ARG D 38 25.44 -2.57 9.52
CA ARG D 38 24.09 -2.58 10.07
C ARG D 38 23.37 -1.27 9.81
N HIS D 39 24.10 -0.15 9.91
CA HIS D 39 23.57 1.20 9.65
C HIS D 39 23.04 1.29 8.21
N ALA D 40 23.86 0.87 7.24
CA ALA D 40 23.41 0.87 5.84
C ALA D 40 22.17 -0.02 5.66
N VAL D 41 22.21 -1.24 6.23
CA VAL D 41 21.08 -2.15 6.05
C VAL D 41 19.80 -1.56 6.68
N ALA D 42 19.92 -0.91 7.83
CA ALA D 42 18.76 -0.30 8.47
C ALA D 42 18.11 0.73 7.52
N LEU D 43 18.96 1.53 6.86
CA LEU D 43 18.45 2.50 5.89
C LEU D 43 17.74 1.80 4.72
N ARG D 44 18.27 0.65 4.25
CA ARG D 44 17.59 -0.08 3.21
C ARG D 44 16.23 -0.60 3.70
N HIS D 45 16.16 -1.07 4.93
CA HIS D 45 14.92 -1.56 5.54
C HIS D 45 13.89 -0.42 5.58
N PHE D 46 14.33 0.77 5.99
CA PHE D 46 13.43 1.92 6.07
C PHE D 46 13.01 2.42 4.69
N ALA D 47 13.91 2.30 3.69
CA ALA D 47 13.52 2.69 2.35
C ALA D 47 12.37 1.81 1.86
N ARG D 48 12.51 0.51 2.12
CA ARG D 48 11.52 -0.45 1.66
C ARG D 48 10.16 -0.16 2.29
N LEU D 49 10.13 0.36 3.51
CA LEU D 49 8.89 0.73 4.19
C LEU D 49 8.33 2.05 3.65
N GLY D 50 9.08 2.73 2.77
CA GLY D 50 8.63 4.02 2.25
C GLY D 50 9.00 5.21 3.15
N PHE D 51 9.93 5.02 4.10
CA PHE D 51 10.29 6.11 4.99
C PHE D 51 11.43 6.96 4.41
N ASP D 52 11.72 6.76 3.12
CA ASP D 52 12.79 7.41 2.37
C ASP D 52 12.20 8.49 1.44
N GLN D 53 10.90 8.82 1.59
CA GLN D 53 10.23 9.69 0.62
C GLN D 53 10.27 11.17 1.05
N ASP D 54 10.92 11.48 2.18
CA ASP D 54 10.79 12.70 2.99
C ASP D 54 11.83 13.76 2.60
N GLY D 55 12.44 13.56 1.42
CA GLY D 55 13.51 14.43 0.92
C GLY D 55 14.78 14.29 1.75
N LEU D 56 15.13 15.36 2.49
CA LEU D 56 16.37 15.44 3.26
C LEU D 56 16.15 15.16 4.74
N ALA D 57 14.90 14.80 5.11
CA ALA D 57 14.51 14.86 6.52
C ALA D 57 15.05 13.70 7.36
N GLY D 58 15.36 12.55 6.75
CA GLY D 58 15.56 11.40 7.61
C GLY D 58 17.02 11.24 8.05
N LEU D 59 17.22 10.85 9.31
CA LEU D 59 18.55 10.75 9.86
C LEU D 59 18.64 9.57 10.81
N ILE D 60 19.70 8.77 10.65
CA ILE D 60 20.10 7.82 11.66
C ILE D 60 21.54 8.12 12.05
N THR D 61 21.77 8.32 13.36
CA THR D 61 23.12 8.48 13.88
C THR D 61 23.48 7.28 14.74
N VAL D 62 24.75 6.87 14.64
CA VAL D 62 25.30 5.75 15.39
C VAL D 62 26.63 6.22 15.99
N ALA D 63 26.75 6.15 17.32
CA ALA D 63 27.97 6.64 17.97
C ALA D 63 29.14 5.79 17.49
N ASP D 64 30.27 6.44 17.16
CA ASP D 64 31.47 5.67 16.90
C ASP D 64 31.90 4.98 18.21
N PRO D 65 32.32 3.70 18.20
CA PRO D 65 32.63 3.02 19.45
C PRO D 65 33.94 3.46 20.10
N GLU D 66 34.79 4.15 19.33
CA GLU D 66 36.10 4.53 19.84
C GLU D 66 36.15 6.03 20.13
N HIS D 67 35.62 6.81 19.18
CA HIS D 67 35.82 8.25 19.19
C HIS D 67 34.59 8.88 19.80
N ALA D 68 34.79 9.29 21.06
CA ALA D 68 33.82 10.00 21.86
C ALA D 68 33.30 11.21 21.08
N ASP D 69 31.97 11.35 21.18
CA ASP D 69 31.28 12.55 20.76
C ASP D 69 31.37 12.67 19.24
N THR D 70 31.59 11.56 18.51
CA THR D 70 31.44 11.58 17.06
C THR D 70 30.49 10.47 16.61
N TYR D 71 29.80 10.70 15.48
CA TYR D 71 28.64 9.87 15.13
C TYR D 71 28.67 9.59 13.64
N TRP D 72 28.44 8.32 13.28
CA TRP D 72 28.21 7.97 11.89
C TRP D 72 26.81 8.44 11.51
N ALA D 73 26.65 8.93 10.27
CA ALA D 73 25.35 9.44 9.82
C ALA D 73 25.21 9.15 8.33
N ASN D 74 23.95 9.08 7.90
CA ASN D 74 23.70 9.10 6.47
C ASN D 74 23.88 10.52 5.97
N PRO D 75 24.54 10.75 4.83
CA PRO D 75 24.82 12.10 4.37
C PRO D 75 23.60 12.75 3.73
N LEU D 76 23.59 14.07 3.76
CA LEU D 76 22.48 14.83 3.21
C LEU D 76 22.24 14.44 1.76
N ALA D 77 20.99 14.07 1.46
CA ALA D 77 20.48 13.90 0.10
C ALA D 77 20.83 12.55 -0.53
N HIS D 78 21.53 11.66 0.18
CA HIS D 78 21.83 10.35 -0.43
C HIS D 78 20.58 9.48 -0.25
N PRO D 79 19.99 8.88 -1.30
CA PRO D 79 18.77 8.10 -1.12
C PRO D 79 19.01 6.87 -0.25
N PHE D 80 18.09 6.58 0.68
CA PHE D 80 18.28 5.44 1.58
C PHE D 80 18.44 4.13 0.78
N SER D 81 17.74 4.01 -0.34
CA SER D 81 17.67 2.78 -1.10
C SER D 81 19.02 2.37 -1.69
N THR D 82 20.01 3.30 -1.82
CA THR D 82 21.26 2.97 -2.49
C THR D 82 22.43 3.08 -1.52
N ILE D 83 22.19 3.46 -0.28
CA ILE D 83 23.31 3.83 0.58
C ILE D 83 24.12 2.59 0.98
N THR D 84 25.45 2.74 1.01
CA THR D 84 26.35 1.65 1.41
C THR D 84 27.22 2.14 2.58
N PRO D 85 27.92 1.24 3.31
CA PRO D 85 28.78 1.69 4.41
C PRO D 85 29.76 2.82 4.03
N ALA D 86 30.32 2.75 2.83
CA ALA D 86 31.29 3.73 2.34
C ALA D 86 30.65 5.12 2.19
N ASP D 87 29.32 5.21 2.10
CA ASP D 87 28.66 6.51 1.97
C ASP D 87 28.47 7.19 3.33
N LEU D 88 28.58 6.43 4.43
CA LEU D 88 28.29 7.04 5.72
C LEU D 88 29.40 8.05 6.06
N ILE D 89 29.04 9.10 6.79
CA ILE D 89 30.01 10.12 7.17
C ILE D 89 30.10 10.12 8.70
N ARG D 90 31.25 10.48 9.25
CA ARG D 90 31.40 10.59 10.69
C ARG D 90 31.41 12.09 11.04
N VAL D 91 30.59 12.48 12.01
CA VAL D 91 30.31 13.87 12.27
C VAL D 91 30.67 14.16 13.74
N ASP D 92 31.34 15.29 13.96
CA ASP D 92 31.64 15.75 15.30
C ASP D 92 30.37 16.26 16.00
N GLY D 93 30.13 15.80 17.22
CA GLY D 93 28.93 16.12 17.97
C GLY D 93 28.78 17.62 18.20
N ASP D 94 29.87 18.29 18.61
CA ASP D 94 29.81 19.68 19.04
C ASP D 94 29.71 20.64 17.85
N SER D 95 30.46 20.40 16.77
CA SER D 95 30.58 21.35 15.67
C SER D 95 29.65 21.00 14.51
N ALA D 96 29.13 19.75 14.49
CA ALA D 96 28.38 19.17 13.38
C ALA D 96 29.23 19.11 12.09
N GLU D 97 30.54 19.24 12.22
CA GLU D 97 31.43 19.12 11.07
C GLU D 97 31.68 17.64 10.76
N THR D 98 31.78 17.32 9.47
CA THR D 98 32.14 15.99 8.99
C THR D 98 33.64 15.79 9.21
N VAL D 99 34.00 14.78 10.03
CA VAL D 99 35.41 14.55 10.32
C VAL D 99 35.93 13.37 9.50
N GLU D 100 35.01 12.58 8.92
CA GLU D 100 35.41 11.51 8.02
C GLU D 100 34.36 11.40 6.92
N GLY D 101 34.81 11.46 5.66
CA GLY D 101 33.88 11.55 4.54
C GLY D 101 33.87 12.96 3.97
N GLN D 102 33.07 13.22 2.93
CA GLN D 102 33.21 14.51 2.26
C GLN D 102 31.95 15.35 2.48
N ARG D 103 30.80 14.66 2.52
CA ARG D 103 29.50 15.32 2.48
C ARG D 103 29.11 15.75 3.89
N ARG D 104 28.12 16.64 3.96
CA ARG D 104 27.58 17.15 5.22
C ARG D 104 26.35 16.34 5.65
N VAL D 105 26.08 16.39 6.96
CA VAL D 105 24.87 15.86 7.54
C VAL D 105 23.80 16.94 7.44
N ASN D 106 22.54 16.54 7.57
CA ASN D 106 21.42 17.44 7.85
C ASN D 106 21.66 18.08 9.22
N ILE D 107 22.04 19.35 9.24
CA ILE D 107 22.53 19.96 10.47
C ILE D 107 21.38 20.18 11.46
N ALA D 108 20.15 20.44 10.98
CA ALA D 108 19.01 20.63 11.88
C ALA D 108 18.67 19.33 12.60
N ALA D 109 18.49 18.25 11.84
CA ALA D 109 18.22 16.97 12.46
C ALA D 109 19.41 16.57 13.36
N PHE D 110 20.64 16.83 12.89
CA PHE D 110 21.82 16.42 13.65
C PHE D 110 21.87 17.11 15.02
N ASN D 111 21.44 18.37 15.09
CA ASN D 111 21.45 19.10 16.36
C ASN D 111 20.61 18.38 17.41
N ILE D 112 19.45 17.86 16.99
CA ILE D 112 18.60 17.08 17.87
C ILE D 112 19.32 15.80 18.29
N HIS D 113 19.88 15.06 17.32
CA HIS D 113 20.51 13.79 17.65
C HIS D 113 21.72 14.00 18.58
N ALA D 114 22.58 15.01 18.30
CA ALA D 114 23.79 15.19 19.08
C ALA D 114 23.43 15.44 20.54
N GLU D 115 22.36 16.25 20.75
CA GLU D 115 21.97 16.57 22.12
C GLU D 115 21.39 15.37 22.83
N ILE D 116 20.63 14.54 22.09
CA ILE D 116 20.12 13.30 22.68
C ILE D 116 21.28 12.37 23.03
N HIS D 117 22.23 12.19 22.09
CA HIS D 117 23.39 11.37 22.37
C HIS D 117 24.15 11.85 23.61
N ARG D 118 24.33 13.18 23.74
CA ARG D 118 25.07 13.76 24.85
C ARG D 118 24.34 13.45 26.15
N ALA D 119 23.00 13.51 26.12
CA ALA D 119 22.18 13.33 27.32
C ALA D 119 22.07 11.86 27.69
N ARG D 120 22.35 10.96 26.74
CA ARG D 120 22.06 9.53 26.90
C ARG D 120 23.27 8.69 26.54
N PRO D 121 24.29 8.58 27.42
CA PRO D 121 25.46 7.80 27.10
C PRO D 121 25.16 6.31 26.88
N ASP D 122 24.03 5.82 27.39
CA ASP D 122 23.60 4.45 27.17
C ASP D 122 23.12 4.20 25.72
N VAL D 123 22.86 5.28 24.96
CA VAL D 123 22.24 5.14 23.64
C VAL D 123 23.34 5.07 22.56
N GLN D 124 23.28 4.05 21.71
CA GLN D 124 24.20 3.93 20.58
C GLN D 124 23.62 4.62 19.33
N ALA D 125 22.30 4.62 19.17
CA ALA D 125 21.69 5.07 17.93
C ALA D 125 20.45 5.91 18.19
N VAL D 126 20.27 6.94 17.32
CA VAL D 126 19.08 7.78 17.35
C VAL D 126 18.51 7.81 15.94
N ILE D 127 17.17 7.63 15.84
CA ILE D 127 16.52 7.51 14.54
C ILE D 127 15.40 8.53 14.48
N HIS D 128 15.42 9.34 13.40
CA HIS D 128 14.33 10.26 13.17
C HIS D 128 14.05 10.28 11.67
N LEU D 129 12.88 9.77 11.27
CA LEU D 129 12.45 9.75 9.87
C LEU D 129 11.07 10.37 9.81
N HIS D 130 10.75 11.03 8.69
CA HIS D 130 9.45 11.67 8.63
C HIS D 130 8.51 10.67 7.96
N THR D 131 7.43 10.27 8.64
CA THR D 131 6.59 9.21 8.05
C THR D 131 5.14 9.71 8.05
N VAL D 132 4.28 9.05 7.30
CA VAL D 132 2.89 9.50 7.24
C VAL D 132 2.20 9.28 8.59
N TYR D 133 2.27 8.06 9.14
CA TYR D 133 1.48 7.77 10.34
C TYR D 133 2.06 8.50 11.54
N GLY D 134 3.40 8.55 11.58
CA GLY D 134 4.11 9.29 12.63
C GLY D 134 3.76 10.78 12.63
N ARG D 135 3.79 11.38 11.43
CA ARG D 135 3.45 12.80 11.30
C ARG D 135 2.01 13.03 11.76
N ALA D 136 1.08 12.18 11.25
CA ALA D 136 -0.33 12.38 11.55
C ALA D 136 -0.58 12.27 13.06
N PHE D 137 -0.03 11.23 13.70
CA PHE D 137 -0.27 11.03 15.11
C PHE D 137 0.37 12.16 15.94
N SER D 138 1.55 12.60 15.50
CA SER D 138 2.28 13.67 16.21
C SER D 138 1.49 14.98 16.21
N ALA D 139 0.54 15.15 15.28
CA ALA D 139 -0.27 16.36 15.22
C ALA D 139 -1.18 16.49 16.43
N PHE D 140 -1.39 15.40 17.19
CA PHE D 140 -2.32 15.44 18.31
C PHE D 140 -1.63 15.81 19.63
N ALA D 141 -0.28 15.84 19.64
CA ALA D 141 0.45 16.17 20.87
C ALA D 141 -0.05 15.28 22.01
N ARG D 142 -0.09 13.97 21.77
CA ARG D 142 -0.74 13.06 22.69
C ARG D 142 0.15 11.84 22.84
N LYS D 143 0.27 11.31 24.06
CA LYS D 143 1.01 10.06 24.23
C LYS D 143 0.30 8.92 23.50
N LEU D 144 1.09 7.97 22.99
CA LEU D 144 0.57 6.80 22.31
C LEU D 144 -0.09 5.90 23.34
N PRO D 145 -1.42 5.70 23.29
CA PRO D 145 -2.10 4.88 24.29
C PRO D 145 -1.67 3.41 24.19
N PRO D 146 -1.82 2.62 25.26
CA PRO D 146 -1.58 1.18 25.18
C PRO D 146 -2.77 0.46 24.60
N LEU D 147 -3.01 0.69 23.30
CA LEU D 147 -4.25 0.23 22.69
C LEU D 147 -4.16 -1.27 22.42
N THR D 148 -2.97 -1.77 22.07
CA THR D 148 -2.81 -3.19 21.80
C THR D 148 -1.51 -3.62 22.50
N GLN D 149 -1.32 -4.93 22.56
CA GLN D 149 -0.10 -5.47 23.14
C GLN D 149 1.13 -4.81 22.56
N ASP D 150 1.12 -4.58 21.24
CA ASP D 150 2.31 -4.10 20.53
C ASP D 150 2.66 -2.67 20.88
N ALA D 151 1.71 -1.89 21.40
CA ALA D 151 1.93 -0.50 21.79
C ALA D 151 2.48 -0.44 23.22
N CYS D 152 2.41 -1.57 23.95
CA CYS D 152 2.78 -1.57 25.36
C CYS D 152 4.27 -1.29 25.59
N PRO D 153 5.23 -1.65 24.69
CA PRO D 153 6.62 -1.26 24.88
C PRO D 153 6.83 0.24 25.09
N PHE D 154 5.88 1.07 24.64
CA PHE D 154 5.99 2.53 24.79
C PHE D 154 5.27 3.03 26.04
N PHE D 155 4.51 2.16 26.69
CA PHE D 155 3.70 2.58 27.83
C PHE D 155 4.61 3.03 28.99
N GLU D 156 4.42 4.27 29.47
CA GLU D 156 5.26 4.89 30.48
C GLU D 156 6.73 4.87 30.07
N ASP D 157 6.99 4.83 28.75
CA ASP D 157 8.36 4.87 28.29
C ASP D 157 8.49 5.70 27.00
N HIS D 158 7.70 6.75 26.87
CA HIS D 158 7.94 7.70 25.79
C HIS D 158 7.37 9.04 26.21
N GLU D 159 7.79 10.10 25.51
CA GLU D 159 7.31 11.42 25.85
C GLU D 159 6.78 12.10 24.58
N VAL D 160 6.08 13.22 24.80
CA VAL D 160 5.67 14.15 23.77
C VAL D 160 6.50 15.42 23.99
N PHE D 161 7.18 15.88 22.93
CA PHE D 161 7.79 17.20 22.99
C PHE D 161 6.69 18.20 22.62
N ASP D 162 6.28 19.05 23.56
CA ASP D 162 5.05 19.81 23.40
C ASP D 162 5.38 21.26 23.01
N ASP D 163 6.34 21.40 22.10
CA ASP D 163 6.63 22.68 21.47
C ASP D 163 6.98 22.42 19.99
N PHE D 164 6.79 23.43 19.14
CA PHE D 164 7.23 23.31 17.75
C PHE D 164 7.69 24.70 17.35
N THR D 165 8.98 24.86 17.07
CA THR D 165 9.52 26.20 16.80
C THR D 165 10.21 26.25 15.43
N GLY D 166 9.93 25.27 14.56
CA GLY D 166 10.53 25.31 13.24
C GLY D 166 11.74 24.38 13.24
N LEU D 167 12.61 24.54 12.25
CA LEU D 167 13.82 23.73 12.15
C LEU D 167 14.66 23.98 13.41
N VAL D 168 15.32 22.92 13.87
CA VAL D 168 16.16 22.98 15.07
C VAL D 168 17.54 23.46 14.64
N LEU D 169 17.72 24.79 14.61
CA LEU D 169 18.93 25.39 14.08
C LEU D 169 19.85 25.83 15.23
N ALA D 170 19.33 25.76 16.47
CA ALA D 170 20.11 26.07 17.68
C ALA D 170 20.22 24.82 18.55
N LYS D 171 21.45 24.54 19.03
CA LYS D 171 21.74 23.50 20.00
C LYS D 171 20.73 23.50 21.17
N ASP D 172 20.26 24.70 21.56
CA ASP D 172 19.39 24.84 22.72
C ASP D 172 18.06 24.09 22.54
N ASP D 173 17.54 24.10 21.30
CA ASP D 173 16.31 23.40 20.99
C ASP D 173 16.53 21.89 21.01
N GLY D 174 17.70 21.44 20.53
CA GLY D 174 18.06 20.04 20.69
C GLY D 174 18.14 19.65 22.17
N ARG D 175 18.74 20.52 22.98
CA ARG D 175 18.82 20.30 24.43
C ARG D 175 17.43 20.11 25.04
N ARG D 176 16.46 20.96 24.66
CA ARG D 176 15.11 20.88 25.19
C ARG D 176 14.45 19.53 24.88
N ILE D 177 14.68 19.04 23.65
CA ILE D 177 14.13 17.75 23.23
C ILE D 177 14.77 16.62 24.07
N ALA D 178 16.09 16.68 24.20
CA ALA D 178 16.83 15.67 24.96
C ALA D 178 16.38 15.67 26.42
N LYS D 179 16.14 16.86 26.98
CA LYS D 179 15.67 16.94 28.36
C LYS D 179 14.29 16.27 28.50
N GLN D 180 13.40 16.48 27.53
CA GLN D 180 12.05 15.94 27.64
C GLN D 180 12.07 14.43 27.42
N LEU D 181 13.02 13.92 26.60
CA LEU D 181 13.11 12.49 26.36
C LEU D 181 13.42 11.73 27.66
N ARG D 182 14.21 12.34 28.55
CA ARG D 182 14.68 11.69 29.77
C ARG D 182 15.27 10.30 29.42
N GLY D 183 14.86 9.26 30.16
CA GLY D 183 15.41 7.93 29.98
C GLY D 183 14.57 7.05 29.05
N HIS D 184 13.64 7.65 28.28
CA HIS D 184 12.66 6.91 27.51
C HIS D 184 13.22 6.40 26.18
N LYS D 185 12.47 5.49 25.55
CA LYS D 185 12.89 4.89 24.29
C LYS D 185 12.45 5.72 23.08
N ALA D 186 11.51 6.68 23.29
CA ALA D 186 10.99 7.42 22.14
C ALA D 186 10.47 8.79 22.57
N ILE D 187 10.45 9.73 21.63
CA ILE D 187 9.76 11.00 21.88
C ILE D 187 9.02 11.39 20.59
N LEU D 188 7.79 11.87 20.75
CA LEU D 188 6.96 12.35 19.64
C LEU D 188 7.15 13.86 19.55
N LEU D 189 7.73 14.31 18.43
CA LEU D 189 7.91 15.74 18.26
C LEU D 189 6.60 16.26 17.67
N LYS D 190 5.86 17.06 18.46
CA LYS D 190 4.53 17.42 17.99
C LYS D 190 4.60 18.17 16.66
N ASN D 191 3.62 17.90 15.79
CA ASN D 191 3.53 18.56 14.50
C ASN D 191 4.83 18.34 13.71
N HIS D 192 5.45 17.17 13.86
CA HIS D 192 6.75 16.96 13.23
C HIS D 192 6.92 15.47 12.89
N GLY D 193 7.15 14.64 13.91
CA GLY D 193 7.27 13.20 13.65
C GLY D 193 7.95 12.47 14.82
N LEU D 194 8.43 11.24 14.56
CA LEU D 194 8.88 10.33 15.60
C LEU D 194 10.39 10.39 15.73
N VAL D 195 10.87 10.15 16.96
CA VAL D 195 12.27 9.90 17.25
C VAL D 195 12.33 8.67 18.14
N THR D 196 13.18 7.69 17.79
CA THR D 196 13.46 6.63 18.75
C THR D 196 14.96 6.54 19.03
N VAL D 197 15.30 5.88 20.15
CA VAL D 197 16.68 5.68 20.54
C VAL D 197 16.87 4.20 20.89
N GLY D 198 18.12 3.78 20.98
CA GLY D 198 18.36 2.44 21.50
C GLY D 198 19.80 2.27 21.95
N GLU D 199 20.00 1.30 22.85
CA GLU D 199 21.33 0.88 23.26
C GLU D 199 22.09 0.23 22.11
N THR D 200 21.36 -0.22 21.08
CA THR D 200 21.96 -0.67 19.84
C THR D 200 21.16 -0.04 18.70
N LEU D 201 21.80 0.07 17.54
CA LEU D 201 21.09 0.46 16.34
C LEU D 201 19.88 -0.46 16.14
N ASP D 202 20.09 -1.77 16.34
CA ASP D 202 19.04 -2.73 16.07
C ASP D 202 17.78 -2.40 16.88
N ALA D 203 17.95 -2.25 18.19
CA ALA D 203 16.80 -1.96 19.05
C ALA D 203 16.14 -0.63 18.64
N ALA D 204 16.96 0.42 18.39
CA ALA D 204 16.41 1.68 17.94
C ALA D 204 15.54 1.52 16.68
N ALA D 205 16.03 0.72 15.72
CA ALA D 205 15.33 0.56 14.45
C ALA D 205 14.04 -0.25 14.65
N TRP D 206 14.10 -1.26 15.53
CA TRP D 206 12.86 -1.95 15.88
C TRP D 206 11.86 -0.99 16.53
N TRP D 207 12.29 -0.18 17.53
CA TRP D 207 11.33 0.73 18.17
C TRP D 207 10.71 1.67 17.13
N PHE D 208 11.51 2.16 16.17
CA PHE D 208 10.98 3.09 15.17
C PHE D 208 9.92 2.39 14.31
N THR D 209 10.25 1.20 13.80
CA THR D 209 9.36 0.43 12.95
C THR D 209 8.06 0.21 13.71
N LEU D 210 8.18 -0.28 14.96
CA LEU D 210 7.02 -0.63 15.75
C LEU D 210 6.19 0.63 16.07
N LEU D 211 6.87 1.72 16.43
CA LEU D 211 6.19 2.97 16.77
C LEU D 211 5.32 3.44 15.60
N ASP D 212 5.86 3.40 14.37
CA ASP D 212 5.10 3.87 13.22
C ASP D 212 3.84 3.01 13.02
N THR D 213 3.99 1.70 13.10
CA THR D 213 2.86 0.80 12.94
C THR D 213 1.83 1.08 14.07
N CYS D 214 2.29 1.30 15.30
CA CYS D 214 1.36 1.60 16.41
C CYS D 214 0.60 2.90 16.14
N CYS D 215 1.29 3.91 15.59
CA CYS D 215 0.62 5.15 15.20
C CYS D 215 -0.46 4.87 14.14
N HIS D 216 -0.12 4.03 13.17
CA HIS D 216 -1.08 3.65 12.14
C HIS D 216 -2.34 3.03 12.78
N VAL D 217 -2.13 2.03 13.64
CA VAL D 217 -3.24 1.31 14.29
C VAL D 217 -4.09 2.28 15.12
N GLN D 218 -3.44 3.16 15.87
CA GLN D 218 -4.18 4.07 16.76
C GLN D 218 -5.07 5.00 15.92
N LEU D 219 -4.50 5.55 14.84
CA LEU D 219 -5.23 6.48 13.96
C LEU D 219 -6.45 5.76 13.37
N LEU D 220 -6.25 4.54 12.86
CA LEU D 220 -7.36 3.83 12.22
C LEU D 220 -8.45 3.53 13.26
N ALA D 221 -8.04 3.05 14.43
CA ALA D 221 -9.05 2.68 15.43
C ALA D 221 -9.81 3.92 15.90
N ASP D 222 -9.10 5.05 16.13
CA ASP D 222 -9.78 6.30 16.51
C ASP D 222 -10.72 6.79 15.41
N ALA D 223 -10.32 6.62 14.12
CA ALA D 223 -11.20 7.00 13.03
C ALA D 223 -12.44 6.12 12.99
N ALA D 224 -12.27 4.82 13.29
CA ALA D 224 -13.35 3.85 13.13
C ALA D 224 -14.38 3.96 14.27
N GLY D 225 -13.96 4.39 15.46
CA GLY D 225 -14.90 4.45 16.57
C GLY D 225 -14.20 4.89 17.86
N LYS D 226 -14.61 4.27 18.98
CA LYS D 226 -14.07 4.61 20.29
C LYS D 226 -13.49 3.33 20.90
N PRO D 227 -12.23 2.96 20.58
CA PRO D 227 -11.68 1.70 21.05
C PRO D 227 -11.32 1.74 22.54
N GLU D 228 -11.15 0.55 23.16
CA GLU D 228 -10.80 0.50 24.57
C GLU D 228 -9.30 0.19 24.71
N GLU D 229 -8.63 0.90 25.62
CA GLU D 229 -7.20 0.67 25.87
C GLU D 229 -7.02 -0.46 26.88
N ILE D 230 -5.82 -1.03 26.89
CA ILE D 230 -5.45 -1.99 27.93
C ILE D 230 -5.34 -1.22 29.26
N PRO D 231 -5.89 -1.74 30.38
CA PRO D 231 -5.69 -1.12 31.70
C PRO D 231 -4.21 -0.94 32.07
N ALA D 232 -3.91 0.12 32.82
CA ALA D 232 -2.54 0.52 33.10
C ALA D 232 -1.71 -0.64 33.66
N GLU D 233 -2.28 -1.41 34.61
CA GLU D 233 -1.48 -2.40 35.32
C GLU D 233 -1.07 -3.53 34.38
N VAL D 234 -1.97 -3.92 33.47
CA VAL D 234 -1.65 -4.93 32.45
C VAL D 234 -0.67 -4.33 31.42
N ALA D 235 -0.91 -3.07 31.03
CA ALA D 235 -0.05 -2.45 30.02
C ALA D 235 1.38 -2.38 30.54
N ARG D 236 1.53 -2.07 31.83
CA ARG D 236 2.85 -1.90 32.42
C ARG D 236 3.60 -3.25 32.44
N LEU D 237 2.88 -4.32 32.82
CA LEU D 237 3.46 -5.66 32.83
C LEU D 237 3.88 -6.06 31.41
N THR D 238 2.96 -5.88 30.46
CA THR D 238 3.22 -6.25 29.06
C THR D 238 4.41 -5.45 28.53
N GLY D 239 4.42 -4.15 28.84
CA GLY D 239 5.49 -3.27 28.40
C GLY D 239 6.86 -3.71 28.92
N ARG D 240 6.91 -4.21 30.16
CA ARG D 240 8.17 -4.70 30.69
C ARG D 240 8.59 -5.96 29.92
N GLN D 241 7.63 -6.84 29.61
CA GLN D 241 7.92 -8.07 28.90
C GLN D 241 8.44 -7.78 27.48
N LEU D 242 7.85 -6.80 26.80
CA LEU D 242 8.12 -6.63 25.37
C LEU D 242 8.97 -5.40 25.07
N GLY D 243 9.25 -4.56 26.10
CA GLY D 243 9.91 -3.28 25.87
C GLY D 243 11.39 -3.24 26.30
N SER D 244 11.97 -4.40 26.61
CA SER D 244 13.35 -4.46 27.04
C SER D 244 14.26 -4.34 25.83
N HIS D 245 15.53 -3.96 26.08
CA HIS D 245 16.51 -3.86 25.00
C HIS D 245 16.67 -5.22 24.32
N LEU D 246 16.75 -6.29 25.14
CA LEU D 246 16.95 -7.62 24.59
C LEU D 246 15.84 -7.97 23.58
N LEU D 247 14.58 -7.69 23.92
CA LEU D 247 13.46 -8.01 23.05
C LEU D 247 13.52 -7.19 21.78
N GLY D 248 13.84 -5.89 21.94
CA GLY D 248 13.93 -5.00 20.79
C GLY D 248 15.03 -5.45 19.82
N TRP D 249 16.20 -5.75 20.36
CA TRP D 249 17.33 -6.23 19.55
C TRP D 249 16.92 -7.50 18.80
N ASN D 250 16.30 -8.45 19.51
CA ASN D 250 15.92 -9.72 18.89
C ASN D 250 14.87 -9.53 17.80
N SER D 251 13.90 -8.64 18.04
CA SER D 251 12.80 -8.38 17.11
C SER D 251 13.32 -7.81 15.79
N TYR D 252 14.42 -7.04 15.86
CA TYR D 252 14.97 -6.40 14.67
C TYR D 252 15.64 -7.43 13.75
N GLN D 253 16.13 -8.54 14.31
CA GLN D 253 16.97 -9.44 13.51
C GLN D 253 16.33 -9.89 12.19
N PRO D 254 15.07 -10.43 12.17
CA PRO D 254 14.47 -10.83 10.92
C PRO D 254 14.33 -9.66 9.91
N LEU D 255 14.19 -8.43 10.40
CA LEU D 255 14.09 -7.26 9.53
C LEU D 255 15.44 -7.01 8.83
N HIS D 256 16.54 -7.10 9.59
CA HIS D 256 17.87 -7.01 9.02
C HIS D 256 18.06 -8.11 7.97
N GLU D 257 17.70 -9.34 8.33
CA GLU D 257 17.93 -10.46 7.41
C GLU D 257 17.06 -10.32 6.17
N ALA D 258 15.81 -9.86 6.32
CA ALA D 258 14.93 -9.75 5.13
C ALA D 258 15.51 -8.68 4.17
N ALA D 259 16.01 -7.56 4.73
CA ALA D 259 16.63 -6.50 3.93
C ALA D 259 17.84 -7.05 3.16
N LEU D 260 18.69 -7.84 3.84
CA LEU D 260 19.82 -8.47 3.16
C LEU D 260 19.39 -9.32 1.98
N ALA D 261 18.35 -10.14 2.19
CA ALA D 261 17.95 -11.09 1.17
C ALA D 261 17.49 -10.33 -0.09
N ARG D 262 16.99 -9.10 0.08
N ARG D 262 17.03 -9.08 0.07
CA ARG D 262 16.48 -8.30 -1.03
CA ARG D 262 16.47 -8.29 -1.03
C ARG D 262 17.63 -7.76 -1.91
C ARG D 262 17.52 -7.44 -1.75
N ASP D 263 18.79 -7.47 -1.31
CA ASP D 263 19.93 -6.96 -2.08
C ASP D 263 21.16 -7.84 -1.93
N PRO D 264 21.37 -8.82 -2.83
CA PRO D 264 22.60 -9.62 -2.83
C PRO D 264 23.88 -8.80 -2.84
N ASP D 265 23.84 -7.63 -3.50
CA ASP D 265 25.02 -6.78 -3.63
C ASP D 265 25.44 -6.23 -2.25
N LEU D 266 24.49 -5.67 -1.52
CA LEU D 266 24.78 -5.21 -0.17
C LEU D 266 25.18 -6.39 0.71
N ALA D 267 24.48 -7.53 0.58
CA ALA D 267 24.72 -8.71 1.40
C ALA D 267 26.18 -9.14 1.30
N THR D 268 26.82 -8.94 0.13
CA THR D 268 28.20 -9.34 -0.02
C THR D 268 29.14 -8.45 0.80
N MET D 269 28.70 -7.26 1.21
CA MET D 269 29.56 -6.35 1.95
C MET D 269 29.54 -6.66 3.46
N GLU D 270 28.80 -7.71 3.88
CA GLU D 270 28.68 -8.08 5.29
C GLU D 270 30.09 -8.42 5.79
N PRO D 271 30.57 -7.79 6.90
CA PRO D 271 31.80 -8.28 7.53
C PRO D 271 31.60 -9.66 8.16
N ALA D 272 32.68 -10.46 8.25
CA ALA D 272 32.67 -11.80 8.84
C ALA D 272 32.46 -11.74 10.36
N LEU D 273 32.56 -12.90 11.04
CA LEU D 273 32.65 -13.03 12.51
C LEU D 273 31.42 -12.40 13.20
#